data_4WKV
#
_entry.id   4WKV
#
_cell.length_a   120.660
_cell.length_b   166.507
_cell.length_c   94.519
_cell.angle_alpha   90.00
_cell.angle_beta   90.00
_cell.angle_gamma   90.00
#
_symmetry.space_group_name_H-M   'C 2 2 21'
#
loop_
_entity.id
_entity.type
_entity.pdbx_description
1 polymer 'Acyl-homoserine lactone acylase PvdQ'
2 polymer 'Acyl-homoserine lactone acylase PvdQ'
3 non-polymer trihydroxy(octyl)borate(1-)
4 non-polymer GLYCEROL
5 water water
#
loop_
_entity_poly.entity_id
_entity_poly.type
_entity_poly.pdbx_seq_one_letter_code
_entity_poly.pdbx_strand_id
1 'polypeptide(L)'
;SNAIAVGSERSADGKGMLLANPHFPWNGAMRFYQMHLTIPGRLDVMGASLPGLPVVNIGFSRHLAWTHTVDTSSHFTLYR
LALDPKDPRRYLVDGRSLPLEEKSVAIEVRGADGKLSRVEHKVYQSIYGPLVVWPGKLDWNRSEAYALRDANLENTRVLQ
QWYSINQASDVADLRRRVEALQGIPWVNTLAADEQGNALYMNQSVVPYLKPELIPACAIPQLVAEGLPALQGQDSRCAWS
RDPAAAQAGITPAAQLPVLLRRDFVQNSNDSAWLTNPASPLQGFSPLVSQEKPIGPRARYALSRLQGKQPLEAKTLEEMV
TANHVFSADQVLPDLLRLCRDNQGEKSLARACAALAQWDRGANLDSGSGFVYFQRFMQRFAELDGAWKEPFDAQRPLDTP
QGIALDRPQVATQVRQALADAAAEVEKSGIPDGARWGDLQVSTRGQERIAIPGGDGHFGVYNAIQSVRKGDHLEVVGGTS
YIQLVTFPEEGPKARGLLAFSQSSDPRSPHYRDQTELFSRQQWQTLPFSDRQIDADPQLQRLSIREAA
;
C
2 'polypeptide(L)'
;PTGLAADIRWTAYGVPHIRAKDERGLGYGIGYAYARDNACLLAEEIVTARGERARYFGSEGKSSAELDNLPSDIFYAWLN
QPEALQAFWQAQTPAVRQLLEGYAAGFNRFLREADGKTTSCLGQPWLRAIATDDLLRLTRRLLVEGGVGQFADALVAAAP
PGAEK
;
A
#
loop_
_chem_comp.id
_chem_comp.type
_chem_comp.name
_chem_comp.formula
3QK non-polymer trihydroxy(octyl)borate(1-) 'C8 H20 B O3 -1'
GOL non-polymer GLYCEROL 'C3 H8 O3'
#
# COMPACT_ATOMS: atom_id res chain seq x y z
N SER A 1 2.20 3.90 5.61
CA SER A 1 1.13 3.57 6.50
C SER A 1 1.59 3.61 7.94
N ASN A 2 0.67 3.97 8.83
CA ASN A 2 0.91 3.84 10.26
C ASN A 2 -0.06 2.84 10.89
N ALA A 3 0.38 2.21 11.98
CA ALA A 3 -0.53 1.43 12.79
C ALA A 3 -0.07 1.45 14.24
N ILE A 4 -1.03 1.63 15.14
CA ILE A 4 -0.76 1.54 16.57
C ILE A 4 -1.79 0.68 17.28
N ALA A 5 -1.33 -0.34 17.99
CA ALA A 5 -2.23 -1.15 18.81
C ALA A 5 -1.88 -0.95 20.28
N VAL A 6 -2.88 -0.72 21.11
CA VAL A 6 -2.68 -0.45 22.53
C VAL A 6 -3.35 -1.52 23.36
N GLY A 7 -2.68 -1.95 24.44
CA GLY A 7 -3.22 -3.00 25.29
C GLY A 7 -3.62 -2.52 26.68
N SER A 8 -4.02 -3.46 27.53
CA SER A 8 -4.62 -3.16 28.83
C SER A 8 -3.71 -2.37 29.77
N GLU A 9 -2.40 -2.50 29.58
CA GLU A 9 -1.45 -1.81 30.44
C GLU A 9 -1.28 -0.32 30.16
N ARG A 10 -1.77 0.16 29.01
CA ARG A 10 -1.57 1.57 28.66
C ARG A 10 -2.85 2.28 28.25
N SER A 11 -3.91 1.55 27.91
CA SER A 11 -5.12 2.19 27.46
C SER A 11 -5.87 2.79 28.63
N ALA A 12 -6.59 3.88 28.37
CA ALA A 12 -7.29 4.59 29.42
C ALA A 12 -8.36 3.71 30.07
N ASP A 13 -8.92 2.76 29.32
CA ASP A 13 -10.01 1.94 29.85
C ASP A 13 -9.59 0.51 30.21
N GLY A 14 -8.30 0.22 30.08
CA GLY A 14 -7.79 -1.10 30.38
C GLY A 14 -8.15 -2.15 29.34
N LYS A 15 -8.64 -1.70 28.19
CA LYS A 15 -8.98 -2.64 27.11
C LYS A 15 -8.17 -2.34 25.85
N GLY A 16 -8.39 -3.09 24.79
CA GLY A 16 -7.63 -2.90 23.57
C GLY A 16 -8.04 -1.66 22.80
N MET A 17 -7.13 -1.16 21.99
CA MET A 17 -7.41 0.00 21.16
C MET A 17 -6.54 -0.08 19.93
N LEU A 18 -7.10 0.22 18.77
CA LEU A 18 -6.33 0.19 17.52
C LEU A 18 -6.51 1.43 16.63
N LEU A 19 -5.41 2.04 16.24
CA LEU A 19 -5.41 3.07 15.20
C LEU A 19 -4.89 2.50 13.90
N ALA A 20 -5.70 2.61 12.85
CA ALA A 20 -5.31 2.18 11.52
C ALA A 20 -5.19 3.38 10.58
N ASN A 21 -3.99 3.64 10.07
CA ASN A 21 -3.79 4.77 9.16
C ASN A 21 -2.95 4.37 7.94
N PRO A 22 -3.49 3.46 7.09
CA PRO A 22 -2.79 3.09 5.86
C PRO A 22 -2.64 4.27 4.87
N HIS A 23 -1.52 4.31 4.16
CA HIS A 23 -1.27 5.33 3.16
C HIS A 23 -1.28 4.67 1.80
N PHE A 24 -2.35 4.89 1.04
CA PHE A 24 -2.52 4.18 -0.22
CA PHE A 24 -2.53 4.19 -0.23
C PHE A 24 -3.05 5.14 -1.31
N PRO A 25 -3.02 4.71 -2.60
CA PRO A 25 -3.46 5.66 -3.64
C PRO A 25 -4.92 6.11 -3.50
N TRP A 26 -5.19 7.30 -4.02
CA TRP A 26 -6.53 7.88 -4.00
C TRP A 26 -7.36 7.54 -5.24
N ASN A 27 -6.77 6.77 -6.16
CA ASN A 27 -7.43 6.33 -7.39
C ASN A 27 -6.93 4.93 -7.77
N GLY A 28 -7.64 4.23 -8.64
CA GLY A 28 -7.05 3.04 -9.27
C GLY A 28 -7.30 1.76 -8.52
N ALA A 29 -6.54 0.73 -8.86
CA ALA A 29 -6.79 -0.62 -8.38
C ALA A 29 -6.48 -0.82 -6.89
N MET A 30 -5.94 0.19 -6.21
CA MET A 30 -5.71 0.05 -4.77
CA MET A 30 -5.63 0.11 -4.78
C MET A 30 -6.47 1.08 -3.95
N ARG A 31 -7.59 1.53 -4.49
CA ARG A 31 -8.43 2.51 -3.81
CA ARG A 31 -8.43 2.51 -3.79
C ARG A 31 -9.36 1.82 -2.81
N PHE A 32 -9.15 2.09 -1.51
CA PHE A 32 -9.96 1.47 -0.46
C PHE A 32 -11.44 1.80 -0.59
N TYR A 33 -12.27 0.86 -0.14
CA TYR A 33 -13.73 0.96 -0.17
C TYR A 33 -14.31 0.42 1.14
N GLN A 34 -15.22 1.16 1.77
CA GLN A 34 -15.78 0.74 3.05
C GLN A 34 -16.93 -0.23 2.85
N MET A 35 -17.02 -1.23 3.72
CA MET A 35 -18.18 -2.12 3.72
C MET A 35 -18.26 -2.94 5.01
N HIS A 36 -19.48 -3.39 5.32
CA HIS A 36 -19.76 -4.21 6.50
C HIS A 36 -20.42 -5.51 6.00
N LEU A 37 -19.86 -6.64 6.41
CA LEU A 37 -20.28 -7.95 5.93
C LEU A 37 -20.84 -8.80 7.06
N THR A 38 -22.00 -9.39 6.84
CA THR A 38 -22.62 -10.23 7.88
C THR A 38 -23.26 -11.48 7.29
N ILE A 39 -22.83 -12.64 7.75
CA ILE A 39 -23.62 -13.86 7.62
C ILE A 39 -24.06 -14.23 9.04
N PRO A 40 -25.35 -13.98 9.36
CA PRO A 40 -25.77 -14.02 10.77
C PRO A 40 -25.45 -15.36 11.42
N GLY A 41 -24.75 -15.29 12.55
CA GLY A 41 -24.35 -16.49 13.26
C GLY A 41 -22.89 -16.85 13.13
N ARG A 42 -22.20 -16.40 12.07
CA ARG A 42 -20.82 -16.84 11.92
C ARG A 42 -19.88 -15.83 11.28
N LEU A 43 -20.40 -14.74 10.76
CA LEU A 43 -19.55 -13.70 10.18
C LEU A 43 -20.12 -12.32 10.44
N ASP A 44 -19.33 -11.44 11.04
CA ASP A 44 -19.77 -10.07 11.23
C ASP A 44 -18.58 -9.15 11.40
N VAL A 45 -18.21 -8.51 10.29
CA VAL A 45 -16.97 -7.78 10.21
C VAL A 45 -17.16 -6.51 9.37
N MET A 46 -16.48 -5.43 9.75
CA MET A 46 -16.61 -4.18 9.03
C MET A 46 -15.24 -3.56 8.84
N GLY A 47 -15.04 -2.86 7.72
CA GLY A 47 -13.79 -2.17 7.48
C GLY A 47 -13.70 -1.63 6.08
N ALA A 48 -12.56 -1.82 5.44
CA ALA A 48 -12.38 -1.39 4.05
C ALA A 48 -11.61 -2.42 3.25
N SER A 49 -11.85 -2.44 1.95
CA SER A 49 -11.28 -3.45 1.06
C SER A 49 -10.77 -2.83 -0.22
N LEU A 50 -10.03 -3.60 -1.00
CA LEU A 50 -9.49 -3.12 -2.26
C LEU A 50 -10.45 -3.54 -3.36
N PRO A 51 -10.40 -2.86 -4.52
CA PRO A 51 -11.34 -3.20 -5.61
C PRO A 51 -11.28 -4.65 -6.07
N GLY A 52 -12.45 -5.26 -6.17
CA GLY A 52 -12.59 -6.59 -6.72
C GLY A 52 -12.54 -7.71 -5.69
N LEU A 53 -12.18 -7.38 -4.45
CA LEU A 53 -12.04 -8.38 -3.39
C LEU A 53 -13.28 -8.47 -2.50
N PRO A 54 -13.88 -9.66 -2.41
CA PRO A 54 -15.09 -9.86 -1.61
C PRO A 54 -14.78 -10.20 -0.15
N VAL A 55 -13.83 -9.48 0.44
CA VAL A 55 -13.40 -9.68 1.82
C VAL A 55 -13.04 -8.33 2.41
N VAL A 56 -12.98 -8.23 3.72
CA VAL A 56 -12.52 -7.01 4.36
C VAL A 56 -11.01 -7.12 4.59
N ASN A 57 -10.24 -6.14 4.12
CA ASN A 57 -8.78 -6.17 4.28
C ASN A 57 -8.29 -5.56 5.58
N ILE A 58 -8.89 -4.44 5.97
CA ILE A 58 -8.60 -3.78 7.23
C ILE A 58 -9.92 -3.49 7.91
N GLY A 59 -10.07 -3.89 9.17
CA GLY A 59 -11.33 -3.69 9.83
C GLY A 59 -11.42 -4.15 11.27
N PHE A 60 -12.63 -4.53 11.67
CA PHE A 60 -12.89 -4.87 13.05
C PHE A 60 -14.13 -5.75 13.13
N SER A 61 -14.23 -6.48 14.23
CA SER A 61 -15.43 -7.25 14.54
C SER A 61 -15.74 -7.05 16.02
N ARG A 62 -16.56 -7.93 16.57
CA ARG A 62 -17.09 -7.69 17.91
C ARG A 62 -15.99 -7.56 19.00
N HIS A 63 -14.94 -8.37 18.93
CA HIS A 63 -13.93 -8.33 19.99
C HIS A 63 -12.54 -7.99 19.47
N LEU A 64 -12.44 -7.69 18.18
CA LEU A 64 -11.13 -7.60 17.54
C LEU A 64 -11.06 -6.48 16.49
N ALA A 65 -9.92 -5.80 16.42
CA ALA A 65 -9.63 -4.90 15.30
C ALA A 65 -8.24 -5.20 14.74
N TRP A 66 -8.07 -5.07 13.44
CA TRP A 66 -6.75 -5.33 12.86
C TRP A 66 -6.50 -4.42 11.67
N THR A 67 -5.22 -4.24 11.35
CA THR A 67 -4.83 -3.42 10.22
C THR A 67 -3.50 -3.88 9.67
N HIS A 68 -3.01 -3.21 8.64
CA HIS A 68 -1.79 -3.60 7.96
C HIS A 68 -0.93 -2.41 7.59
N THR A 69 0.37 -2.66 7.43
CA THR A 69 1.32 -1.72 6.86
C THR A 69 2.25 -2.51 5.95
N VAL A 70 2.76 -1.88 4.89
CA VAL A 70 3.73 -2.55 4.02
C VAL A 70 5.02 -2.82 4.81
N ASP A 71 5.51 -4.05 4.76
CA ASP A 71 6.67 -4.41 5.57
C ASP A 71 7.97 -4.18 4.79
N THR A 72 9.11 -4.39 5.43
CA THR A 72 10.39 -4.23 4.76
C THR A 72 10.96 -5.56 4.31
N SER A 73 10.21 -6.64 4.52
CA SER A 73 10.67 -7.95 4.11
C SER A 73 10.71 -8.05 2.59
N SER A 74 11.62 -8.89 2.07
CA SER A 74 11.67 -9.14 0.65
C SER A 74 10.67 -10.22 0.27
N HIS A 75 9.94 -10.03 -0.82
CA HIS A 75 8.93 -11.01 -1.21
C HIS A 75 9.28 -11.64 -2.55
N PHE A 76 10.52 -11.40 -2.96
CA PHE A 76 11.06 -11.92 -4.21
C PHE A 76 12.59 -12.01 -4.06
N THR A 77 13.24 -12.73 -4.97
CA THR A 77 14.69 -12.59 -5.11
C THR A 77 15.04 -12.43 -6.58
N LEU A 78 16.02 -11.57 -6.84
CA LEU A 78 16.69 -11.55 -8.12
C LEU A 78 17.72 -12.66 -8.15
N TYR A 79 17.89 -13.27 -9.32
CA TYR A 79 18.96 -14.23 -9.51
C TYR A 79 19.89 -13.76 -10.62
N ARG A 80 21.17 -13.64 -10.32
CA ARG A 80 22.14 -13.33 -11.35
C ARG A 80 22.49 -14.63 -12.07
N LEU A 81 22.22 -14.68 -13.36
CA LEU A 81 22.54 -15.84 -14.17
C LEU A 81 23.96 -15.72 -14.72
N ALA A 82 24.66 -16.85 -14.78
CA ALA A 82 25.92 -16.90 -15.52
C ALA A 82 25.62 -17.47 -16.90
N LEU A 83 25.81 -16.65 -17.94
CA LEU A 83 25.40 -17.08 -19.27
C LEU A 83 26.42 -18.04 -19.86
N ASP A 84 25.93 -18.97 -20.68
CA ASP A 84 26.78 -19.85 -21.46
C ASP A 84 27.68 -19.01 -22.35
N PRO A 85 29.01 -19.14 -22.20
CA PRO A 85 29.93 -18.32 -22.98
C PRO A 85 29.74 -18.46 -24.50
N LYS A 86 29.08 -19.53 -24.96
CA LYS A 86 28.84 -19.72 -26.38
C LYS A 86 27.46 -19.27 -26.84
N ASP A 87 26.60 -18.87 -25.91
CA ASP A 87 25.19 -18.65 -26.23
C ASP A 87 24.49 -17.90 -25.09
N PRO A 88 24.23 -16.61 -25.30
CA PRO A 88 23.61 -15.73 -24.29
C PRO A 88 22.13 -16.03 -24.05
N ARG A 89 21.59 -17.02 -24.75
CA ARG A 89 20.23 -17.49 -24.48
C ARG A 89 20.23 -18.79 -23.69
N ARG A 90 21.42 -19.15 -23.19
CA ARG A 90 21.55 -20.28 -22.28
C ARG A 90 22.29 -19.82 -21.03
N TYR A 91 22.02 -20.47 -19.91
CA TYR A 91 22.63 -20.10 -18.64
C TYR A 91 23.11 -21.34 -17.88
N LEU A 92 24.09 -21.13 -17.02
CA LEU A 92 24.76 -22.24 -16.34
C LEU A 92 24.24 -22.48 -14.94
N VAL A 93 23.86 -23.73 -14.64
CA VAL A 93 23.56 -24.14 -13.29
C VAL A 93 24.42 -25.36 -12.97
N ASP A 94 25.25 -25.23 -11.95
CA ASP A 94 26.27 -26.23 -11.62
C ASP A 94 27.11 -26.62 -12.85
N GLY A 95 27.50 -25.63 -13.64
CA GLY A 95 28.39 -25.85 -14.76
C GLY A 95 27.71 -26.45 -15.97
N ARG A 96 26.40 -26.64 -15.88
CA ARG A 96 25.64 -27.25 -16.97
C ARG A 96 24.83 -26.19 -17.73
N SER A 97 24.87 -26.24 -19.05
CA SER A 97 24.20 -25.22 -19.85
C SER A 97 22.73 -25.54 -20.08
N LEU A 98 21.87 -24.65 -19.62
CA LEU A 98 20.40 -24.80 -19.75
C LEU A 98 19.84 -23.75 -20.69
N PRO A 99 18.82 -24.12 -21.49
CA PRO A 99 18.20 -23.14 -22.38
C PRO A 99 17.16 -22.27 -21.67
N LEU A 100 17.08 -21.00 -22.03
CA LEU A 100 15.95 -20.16 -21.63
C LEU A 100 14.67 -20.66 -22.29
N GLU A 101 13.56 -20.57 -21.57
CA GLU A 101 12.26 -20.85 -22.15
C GLU A 101 11.69 -19.56 -22.75
N GLU A 102 10.97 -19.69 -23.86
CA GLU A 102 10.39 -18.53 -24.52
C GLU A 102 8.88 -18.65 -24.54
N LYS A 103 8.23 -17.68 -23.92
CA LYS A 103 6.79 -17.58 -23.97
C LYS A 103 6.40 -16.34 -24.74
N SER A 104 5.64 -16.54 -25.81
CA SER A 104 5.20 -15.41 -26.63
C SER A 104 3.79 -14.99 -26.22
N VAL A 105 3.57 -13.69 -26.06
CA VAL A 105 2.21 -13.20 -25.85
C VAL A 105 1.83 -12.29 -27.00
N ALA A 106 0.55 -12.28 -27.34
CA ALA A 106 0.09 -11.45 -28.42
C ALA A 106 -0.93 -10.44 -27.92
N ILE A 107 -0.74 -9.18 -28.29
CA ILE A 107 -1.55 -8.06 -27.83
C ILE A 107 -2.24 -7.38 -29.00
N GLU A 108 -3.51 -7.04 -28.86
CA GLU A 108 -4.21 -6.24 -29.87
C GLU A 108 -4.00 -4.75 -29.61
N VAL A 109 -3.63 -4.01 -30.65
CA VAL A 109 -3.39 -2.58 -30.52
C VAL A 109 -4.30 -1.77 -31.44
N ARG A 110 -5.06 -0.86 -30.84
CA ARG A 110 -5.95 0.03 -31.59
C ARG A 110 -5.14 1.18 -32.19
N GLY A 111 -5.22 1.34 -33.51
CA GLY A 111 -4.42 2.34 -34.19
C GLY A 111 -5.16 3.64 -34.41
N ALA A 112 -4.48 4.61 -35.00
CA ALA A 112 -5.11 5.87 -35.40
C ALA A 112 -6.33 5.60 -36.26
N ASP A 113 -6.24 4.56 -37.09
CA ASP A 113 -7.36 4.11 -37.93
C ASP A 113 -8.60 3.74 -37.12
N GLY A 114 -8.38 3.28 -35.90
CA GLY A 114 -9.44 2.69 -35.11
C GLY A 114 -9.46 1.19 -35.37
N LYS A 115 -8.53 0.74 -36.21
CA LYS A 115 -8.37 -0.67 -36.53
C LYS A 115 -7.40 -1.35 -35.54
N LEU A 116 -7.61 -2.65 -35.31
CA LEU A 116 -6.73 -3.40 -34.42
C LEU A 116 -5.61 -4.04 -35.21
N SER A 117 -4.40 -4.02 -34.66
CA SER A 117 -3.35 -4.85 -35.21
C SER A 117 -2.74 -5.69 -34.08
N ARG A 118 -2.20 -6.84 -34.45
CA ARG A 118 -1.71 -7.80 -33.47
C ARG A 118 -0.21 -7.59 -33.25
N VAL A 119 0.18 -7.46 -31.99
CA VAL A 119 1.59 -7.33 -31.64
C VAL A 119 2.05 -8.54 -30.84
N GLU A 120 3.16 -9.13 -31.25
CA GLU A 120 3.69 -10.30 -30.58
C GLU A 120 4.98 -9.92 -29.82
N HIS A 121 5.10 -10.42 -28.60
CA HIS A 121 6.26 -10.13 -27.76
C HIS A 121 6.78 -11.39 -27.05
N LYS A 122 8.09 -11.63 -27.16
CA LYS A 122 8.73 -12.78 -26.51
C LYS A 122 9.12 -12.47 -25.07
N VAL A 123 8.64 -13.30 -24.15
CA VAL A 123 9.06 -13.24 -22.75
C VAL A 123 10.00 -14.40 -22.45
N TYR A 124 11.25 -14.08 -22.14
CA TYR A 124 12.24 -15.10 -21.80
C TYR A 124 12.17 -15.49 -20.32
N GLN A 125 12.24 -16.79 -20.07
CA GLN A 125 12.12 -17.30 -18.72
C GLN A 125 13.22 -18.33 -18.40
N SER A 126 13.66 -18.29 -17.16
CA SER A 126 14.61 -19.27 -16.62
C SER A 126 13.89 -20.16 -15.62
N ILE A 127 14.58 -21.16 -15.06
CA ILE A 127 13.98 -21.99 -14.01
C ILE A 127 13.51 -21.15 -12.82
N TYR A 128 14.06 -19.95 -12.65
CA TYR A 128 13.69 -19.08 -11.52
C TYR A 128 12.44 -18.23 -11.77
N GLY A 129 12.18 -17.94 -13.04
CA GLY A 129 11.20 -16.94 -13.41
C GLY A 129 11.68 -16.13 -14.60
N PRO A 130 10.95 -15.05 -14.94
CA PRO A 130 11.27 -14.26 -16.12
C PRO A 130 12.53 -13.43 -15.95
N LEU A 131 13.18 -13.15 -17.07
CA LEU A 131 14.32 -12.27 -17.04
C LEU A 131 13.86 -10.83 -16.98
N VAL A 132 14.69 -9.99 -16.36
CA VAL A 132 14.40 -8.57 -16.24
C VAL A 132 15.66 -7.75 -16.55
N VAL A 133 15.47 -6.60 -17.20
CA VAL A 133 16.58 -5.70 -17.52
C VAL A 133 16.33 -4.29 -16.98
N TRP A 134 17.27 -3.81 -16.15
CA TRP A 134 17.39 -2.39 -15.75
C TRP A 134 18.61 -1.79 -16.43
N PRO A 135 18.44 -1.05 -17.53
CA PRO A 135 19.61 -0.56 -18.28
C PRO A 135 20.60 0.15 -17.37
N GLY A 136 21.86 -0.28 -17.43
CA GLY A 136 22.89 0.32 -16.62
C GLY A 136 23.06 -0.26 -15.24
N LYS A 137 22.19 -1.21 -14.85
CA LYS A 137 22.35 -1.88 -13.57
C LYS A 137 22.15 -3.39 -13.64
N LEU A 138 21.02 -3.83 -14.18
CA LEU A 138 20.77 -5.26 -14.40
C LEU A 138 20.64 -5.46 -15.90
N ASP A 139 21.77 -5.60 -16.58
CA ASP A 139 21.76 -5.72 -18.03
C ASP A 139 21.65 -7.17 -18.43
N TRP A 140 21.46 -7.41 -19.71
CA TRP A 140 21.52 -8.74 -20.27
C TRP A 140 22.58 -8.69 -21.36
N ASN A 141 23.81 -9.05 -21.01
CA ASN A 141 24.90 -9.00 -21.98
C ASN A 141 25.36 -10.42 -22.33
N ARG A 142 26.61 -10.57 -22.74
CA ARG A 142 27.08 -11.89 -23.15
C ARG A 142 27.59 -12.66 -21.94
N SER A 143 27.70 -11.97 -20.81
CA SER A 143 28.23 -12.58 -19.61
C SER A 143 27.16 -12.91 -18.60
N GLU A 144 26.21 -12.00 -18.40
CA GLU A 144 25.24 -12.20 -17.35
C GLU A 144 23.87 -11.64 -17.70
N ALA A 145 22.88 -12.11 -16.96
CA ALA A 145 21.51 -11.60 -17.03
C ALA A 145 20.86 -11.85 -15.66
N TYR A 146 19.65 -11.33 -15.46
CA TYR A 146 18.98 -11.44 -14.18
C TYR A 146 17.56 -11.98 -14.32
N ALA A 147 17.23 -12.95 -13.48
CA ALA A 147 15.86 -13.47 -13.43
C ALA A 147 15.24 -13.08 -12.08
N LEU A 148 13.91 -13.08 -12.02
CA LEU A 148 13.22 -12.68 -10.80
C LEU A 148 12.23 -13.78 -10.41
N ARG A 149 12.35 -14.23 -9.18
CA ARG A 149 11.40 -15.19 -8.62
C ARG A 149 10.53 -14.51 -7.57
N ASP A 150 9.25 -14.41 -7.85
CA ASP A 150 8.29 -13.77 -6.96
C ASP A 150 7.58 -14.84 -6.11
N ALA A 151 7.70 -14.76 -4.78
CA ALA A 151 7.14 -15.79 -3.93
C ALA A 151 5.61 -15.79 -3.96
N ASN A 152 5.00 -14.64 -4.19
CA ASN A 152 3.55 -14.57 -4.17
C ASN A 152 2.85 -15.09 -5.44
N LEU A 153 3.62 -15.40 -6.48
CA LEU A 153 3.08 -16.09 -7.65
C LEU A 153 2.45 -17.45 -7.28
N GLU A 154 2.97 -18.11 -6.25
CA GLU A 154 2.43 -19.37 -5.79
C GLU A 154 1.50 -19.21 -4.58
N ASN A 155 1.23 -17.99 -4.16
CA ASN A 155 0.36 -17.78 -3.01
C ASN A 155 -1.11 -17.80 -3.44
N THR A 156 -1.69 -18.98 -3.50
CA THR A 156 -3.09 -19.13 -3.83
C THR A 156 -3.99 -18.97 -2.59
N ARG A 157 -3.39 -18.61 -1.46
CA ARG A 157 -4.09 -18.62 -0.18
C ARG A 157 -4.54 -17.23 0.28
N VAL A 158 -4.21 -16.19 -0.51
CA VAL A 158 -4.45 -14.81 -0.09
C VAL A 158 -5.92 -14.47 0.22
N LEU A 159 -6.87 -14.94 -0.60
CA LEU A 159 -8.28 -14.61 -0.36
C LEU A 159 -8.83 -15.41 0.84
N GLN A 160 -8.51 -16.71 0.92
CA GLN A 160 -8.85 -17.55 2.06
CA GLN A 160 -8.96 -17.48 2.07
C GLN A 160 -8.32 -16.93 3.36
N GLN A 161 -7.14 -16.35 3.25
CA GLN A 161 -6.47 -15.78 4.41
C GLN A 161 -7.24 -14.60 5.01
N TRP A 162 -7.70 -13.66 4.18
CA TRP A 162 -8.46 -12.54 4.73
CA TRP A 162 -8.47 -12.53 4.72
C TRP A 162 -9.86 -12.97 5.13
N TYR A 163 -10.45 -13.90 4.38
CA TYR A 163 -11.75 -14.41 4.78
C TYR A 163 -11.60 -15.06 6.19
N SER A 164 -10.49 -15.74 6.44
CA SER A 164 -10.22 -16.32 7.74
C SER A 164 -10.01 -15.24 8.81
N ILE A 165 -9.25 -14.21 8.47
CA ILE A 165 -9.09 -13.06 9.37
C ILE A 165 -10.44 -12.42 9.68
N ASN A 166 -11.31 -12.34 8.67
CA ASN A 166 -12.63 -11.79 8.86
C ASN A 166 -13.46 -12.58 9.88
N GLN A 167 -13.13 -13.86 10.06
CA GLN A 167 -13.88 -14.70 10.99
C GLN A 167 -13.18 -14.84 12.34
N ALA A 168 -12.03 -14.19 12.52
CA ALA A 168 -11.26 -14.32 13.75
C ALA A 168 -11.95 -13.68 14.95
N SER A 169 -11.85 -14.31 16.12
CA SER A 169 -12.52 -13.84 17.31
C SER A 169 -11.70 -12.83 18.08
N ASP A 170 -10.48 -13.20 18.44
CA ASP A 170 -9.64 -12.30 19.20
C ASP A 170 -8.22 -12.41 18.67
N VAL A 171 -7.29 -11.75 19.36
CA VAL A 171 -5.92 -11.63 18.88
C VAL A 171 -5.22 -13.00 18.83
N ALA A 172 -5.42 -13.82 19.86
CA ALA A 172 -4.87 -15.16 19.85
C ALA A 172 -5.39 -15.96 18.64
N ASP A 173 -6.66 -15.79 18.33
CA ASP A 173 -7.28 -16.52 17.24
C ASP A 173 -6.79 -15.98 15.89
N LEU A 174 -6.62 -14.66 15.84
CA LEU A 174 -6.09 -14.01 14.65
C LEU A 174 -4.69 -14.56 14.33
N ARG A 175 -3.83 -14.60 15.35
CA ARG A 175 -2.48 -15.13 15.18
C ARG A 175 -2.46 -16.58 14.69
N ARG A 176 -3.29 -17.43 15.30
CA ARG A 176 -3.38 -18.82 14.86
C ARG A 176 -3.74 -18.93 13.37
N ARG A 177 -4.71 -18.13 12.94
CA ARG A 177 -5.25 -18.22 11.58
C ARG A 177 -4.27 -17.72 10.52
N VAL A 178 -3.46 -16.75 10.90
CA VAL A 178 -2.50 -16.16 9.99
C VAL A 178 -1.24 -17.05 9.88
N GLU A 179 -0.77 -17.55 11.01
CA GLU A 179 0.39 -18.43 11.03
C GLU A 179 0.07 -19.78 10.40
N ALA A 180 -1.18 -20.21 10.47
CA ALA A 180 -1.55 -21.52 9.94
C ALA A 180 -1.53 -21.47 8.42
N LEU A 181 -2.09 -20.40 7.86
CA LEU A 181 -2.30 -20.33 6.42
C LEU A 181 -1.14 -19.65 5.67
N GLN A 182 -0.53 -18.63 6.28
CA GLN A 182 0.57 -17.89 5.67
C GLN A 182 0.19 -17.36 4.28
N GLY A 183 -0.98 -16.72 4.22
CA GLY A 183 -1.48 -16.22 2.96
C GLY A 183 -1.29 -14.73 2.78
N ILE A 184 -0.82 -14.03 3.82
CA ILE A 184 -0.61 -12.60 3.70
C ILE A 184 0.59 -12.32 2.80
N PRO A 185 0.39 -11.52 1.72
CA PRO A 185 1.45 -11.41 0.72
C PRO A 185 2.60 -10.48 1.07
N TRP A 186 2.35 -9.23 1.48
CA TRP A 186 3.49 -8.32 1.66
C TRP A 186 3.23 -7.23 2.68
N VAL A 187 2.42 -7.53 3.69
CA VAL A 187 2.21 -6.57 4.77
C VAL A 187 2.41 -7.14 6.17
N ASN A 188 2.74 -6.24 7.10
CA ASN A 188 2.58 -6.48 8.52
C ASN A 188 1.10 -6.54 8.91
N THR A 189 0.84 -7.08 10.09
CA THR A 189 -0.49 -7.13 10.64
C THR A 189 -0.37 -6.66 12.07
N LEU A 190 -1.18 -5.68 12.44
CA LEU A 190 -1.25 -5.27 13.84
C LEU A 190 -2.71 -5.32 14.29
N ALA A 191 -2.93 -5.65 15.56
CA ALA A 191 -4.28 -5.89 16.06
C ALA A 191 -4.40 -5.66 17.55
N ALA A 192 -5.63 -5.37 17.99
CA ALA A 192 -5.92 -5.31 19.42
C ALA A 192 -7.28 -5.96 19.67
N ASP A 193 -7.46 -6.56 20.84
CA ASP A 193 -8.77 -7.11 21.16
C ASP A 193 -9.34 -6.54 22.44
N GLU A 194 -10.58 -6.89 22.76
CA GLU A 194 -11.27 -6.31 23.91
C GLU A 194 -10.54 -6.52 25.24
N GLN A 195 -10.13 -7.77 25.45
CA GLN A 195 -9.30 -8.20 26.53
C GLN A 195 -7.97 -7.47 26.71
N GLY A 196 -7.51 -6.75 25.68
CA GLY A 196 -6.38 -5.84 25.86
C GLY A 196 -5.03 -6.37 25.44
N ASN A 197 -5.03 -7.30 24.49
CA ASN A 197 -3.78 -7.74 23.90
C ASN A 197 -3.46 -6.85 22.71
N ALA A 198 -2.18 -6.53 22.54
CA ALA A 198 -1.71 -5.81 21.36
C ALA A 198 -0.72 -6.70 20.58
N LEU A 199 -0.98 -6.88 19.29
CA LEU A 199 -0.24 -7.85 18.50
C LEU A 199 0.42 -7.20 17.30
N TYR A 200 1.71 -7.49 17.12
CA TYR A 200 2.39 -7.20 15.86
C TYR A 200 2.87 -8.52 15.22
N MET A 201 2.62 -8.68 13.93
CA MET A 201 3.12 -9.83 13.18
C MET A 201 3.81 -9.38 11.92
N ASN A 202 5.00 -9.87 11.69
CA ASN A 202 5.66 -9.68 10.44
C ASN A 202 5.35 -10.97 9.65
N GLN A 203 4.09 -11.39 9.60
CA GLN A 203 3.75 -12.71 9.06
C GLN A 203 3.26 -12.62 7.63
N SER A 204 4.20 -12.60 6.70
CA SER A 204 3.89 -12.61 5.27
C SER A 204 4.65 -13.70 4.51
N VAL A 205 4.56 -13.65 3.18
CA VAL A 205 5.16 -14.64 2.30
C VAL A 205 6.55 -14.19 1.89
N VAL A 206 7.57 -14.84 2.45
CA VAL A 206 8.97 -14.41 2.34
C VAL A 206 9.90 -15.56 1.92
N PRO A 207 10.66 -15.38 0.82
CA PRO A 207 11.63 -16.37 0.36
C PRO A 207 12.53 -16.82 1.50
N TYR A 208 12.76 -18.13 1.59
CA TYR A 208 13.52 -18.72 2.68
C TYR A 208 14.88 -19.24 2.23
N LEU A 209 15.92 -18.81 2.93
CA LEU A 209 17.25 -19.40 2.78
C LEU A 209 17.77 -19.77 4.15
N LYS A 210 18.17 -21.02 4.33
CA LYS A 210 18.83 -21.43 5.57
C LYS A 210 20.04 -20.52 5.81
N PRO A 211 20.28 -20.14 7.07
CA PRO A 211 21.27 -19.10 7.40
C PRO A 211 22.69 -19.41 6.92
N GLU A 212 23.03 -20.68 6.75
CA GLU A 212 24.39 -21.04 6.35
C GLU A 212 24.60 -20.78 4.87
N LEU A 213 23.51 -20.57 4.13
CA LEU A 213 23.56 -20.36 2.70
C LEU A 213 23.74 -18.89 2.33
N ILE A 214 23.34 -18.02 3.25
CA ILE A 214 23.30 -16.60 2.95
C ILE A 214 24.64 -15.94 2.60
N PRO A 215 25.71 -16.17 3.38
CA PRO A 215 26.96 -15.49 3.02
C PRO A 215 27.45 -15.74 1.59
N ALA A 216 27.27 -16.94 1.06
CA ALA A 216 27.78 -17.23 -0.27
C ALA A 216 26.71 -17.15 -1.35
N CYS A 217 25.43 -17.16 -0.97
CA CYS A 217 24.38 -17.09 -2.00
C CYS A 217 24.01 -15.66 -2.38
N ALA A 218 24.35 -14.69 -1.55
CA ALA A 218 24.11 -13.28 -1.85
C ALA A 218 25.04 -12.73 -2.95
N ILE A 219 24.54 -11.82 -3.78
CA ILE A 219 25.43 -10.96 -4.58
C ILE A 219 25.77 -9.73 -3.73
N PRO A 220 26.98 -9.69 -3.17
CA PRO A 220 27.35 -8.72 -2.13
C PRO A 220 27.09 -7.25 -2.50
N GLN A 221 27.47 -6.86 -3.71
CA GLN A 221 27.32 -5.47 -4.14
C GLN A 221 25.85 -5.11 -4.35
N LEU A 222 25.04 -6.08 -4.74
CA LEU A 222 23.64 -5.78 -5.00
C LEU A 222 22.83 -5.78 -3.73
N VAL A 223 23.18 -6.63 -2.77
CA VAL A 223 22.43 -6.62 -1.52
C VAL A 223 22.83 -5.38 -0.72
N ALA A 224 24.08 -4.93 -0.85
CA ALA A 224 24.51 -3.70 -0.19
C ALA A 224 23.72 -2.51 -0.67
N GLU A 225 23.19 -2.60 -1.88
CA GLU A 225 22.36 -1.55 -2.44
C GLU A 225 20.86 -1.80 -2.21
N GLY A 226 20.54 -2.78 -1.37
CA GLY A 226 19.16 -3.05 -1.02
C GLY A 226 18.39 -4.07 -1.86
N LEU A 227 19.06 -4.70 -2.82
CA LEU A 227 18.38 -5.69 -3.66
C LEU A 227 18.58 -7.11 -3.15
N PRO A 228 17.49 -7.89 -3.11
CA PRO A 228 17.60 -9.29 -2.67
C PRO A 228 18.11 -10.15 -3.83
N ALA A 229 19.41 -10.05 -4.09
CA ALA A 229 20.01 -10.68 -5.26
C ALA A 229 20.80 -11.93 -4.87
N LEU A 230 20.49 -13.05 -5.52
CA LEU A 230 21.14 -14.34 -5.25
C LEU A 230 21.97 -14.84 -6.44
N GLN A 231 22.89 -15.78 -6.17
CA GLN A 231 23.71 -16.41 -7.20
C GLN A 231 22.89 -17.49 -7.94
N GLY A 232 22.56 -17.23 -9.20
CA GLY A 232 21.69 -18.12 -9.96
C GLY A 232 22.40 -19.23 -10.73
N GLN A 233 23.71 -19.36 -10.56
CA GLN A 233 24.50 -20.42 -11.21
C GLN A 233 24.80 -21.59 -10.26
N ASP A 234 24.25 -21.51 -9.04
CA ASP A 234 24.48 -22.53 -8.02
C ASP A 234 23.12 -23.11 -7.58
N SER A 235 22.94 -24.41 -7.77
CA SER A 235 21.66 -25.03 -7.43
C SER A 235 21.39 -24.99 -5.91
N ARG A 236 22.44 -24.81 -5.12
CA ARG A 236 22.31 -24.74 -3.67
C ARG A 236 21.72 -23.40 -3.20
N CYS A 237 21.58 -22.45 -4.12
CA CYS A 237 21.02 -21.13 -3.83
C CYS A 237 19.53 -21.04 -4.13
N ALA A 238 18.94 -22.19 -4.45
CA ALA A 238 17.48 -22.31 -4.55
C ALA A 238 16.89 -22.01 -3.17
N TRP A 239 15.67 -21.49 -3.12
CA TRP A 239 15.02 -21.25 -1.82
C TRP A 239 14.94 -22.55 -1.06
N SER A 240 15.22 -22.50 0.24
CA SER A 240 15.26 -23.72 1.05
C SER A 240 13.87 -24.27 1.28
N ARG A 241 13.75 -25.58 1.38
CA ARG A 241 12.48 -26.22 1.69
C ARG A 241 12.41 -26.54 3.18
N ASP A 242 11.24 -26.30 3.76
CA ASP A 242 10.96 -26.63 5.14
C ASP A 242 9.51 -27.11 5.22
N PRO A 243 9.32 -28.33 5.72
CA PRO A 243 8.00 -28.99 5.76
C PRO A 243 6.95 -28.19 6.51
N ALA A 244 7.38 -27.33 7.44
CA ALA A 244 6.42 -26.57 8.24
C ALA A 244 5.90 -25.32 7.50
N ALA A 245 6.57 -24.90 6.44
CA ALA A 245 6.08 -23.75 5.67
C ALA A 245 4.85 -24.15 4.89
N ALA A 246 3.92 -23.20 4.74
CA ALA A 246 2.66 -23.46 4.05
C ALA A 246 2.87 -23.58 2.54
N GLN A 247 4.02 -23.14 2.07
CA GLN A 247 4.28 -23.08 0.64
C GLN A 247 5.76 -23.39 0.44
N ALA A 248 6.08 -24.21 -0.55
CA ALA A 248 7.47 -24.63 -0.75
C ALA A 248 8.40 -23.45 -1.05
N GLY A 249 9.41 -23.28 -0.21
CA GLY A 249 10.41 -22.26 -0.43
C GLY A 249 10.20 -20.98 0.36
N ILE A 250 9.12 -20.89 1.15
CA ILE A 250 8.95 -19.69 1.94
C ILE A 250 9.28 -19.98 3.39
N THR A 251 9.40 -18.91 4.17
CA THR A 251 9.84 -18.99 5.55
C THR A 251 8.73 -19.51 6.47
N PRO A 252 9.01 -20.55 7.28
CA PRO A 252 8.03 -21.03 8.26
C PRO A 252 7.58 -19.90 9.20
N ALA A 253 6.36 -20.00 9.73
CA ALA A 253 5.80 -18.92 10.56
C ALA A 253 6.62 -18.66 11.81
N ALA A 254 7.24 -19.72 12.34
CA ALA A 254 8.01 -19.63 13.58
C ALA A 254 9.27 -18.80 13.44
N GLN A 255 9.74 -18.59 12.21
CA GLN A 255 10.95 -17.83 12.01
C GLN A 255 10.66 -16.38 11.61
N LEU A 256 9.39 -15.98 11.67
CA LEU A 256 8.96 -14.63 11.32
C LEU A 256 8.64 -13.85 12.59
N PRO A 257 8.95 -12.55 12.62
CA PRO A 257 8.77 -11.74 13.82
C PRO A 257 7.31 -11.65 14.29
N VAL A 258 7.09 -11.91 15.58
CA VAL A 258 5.79 -11.69 16.21
C VAL A 258 6.03 -11.04 17.57
N LEU A 259 5.23 -10.03 17.91
CA LEU A 259 5.33 -9.43 19.24
C LEU A 259 3.93 -9.28 19.83
N LEU A 260 3.73 -9.95 20.96
CA LEU A 260 2.46 -9.94 21.65
C LEU A 260 2.69 -9.27 22.99
N ARG A 261 2.09 -8.11 23.19
CA ARG A 261 2.29 -7.37 24.43
C ARG A 261 1.00 -6.81 24.95
N ARG A 262 1.05 -6.17 26.12
CA ARG A 262 -0.15 -5.55 26.66
C ARG A 262 0.01 -4.04 26.85
N ASP A 263 1.15 -3.48 26.43
CA ASP A 263 1.29 -2.04 26.45
C ASP A 263 0.97 -1.48 25.06
N PHE A 264 1.90 -1.61 24.12
CA PHE A 264 1.62 -1.21 22.74
C PHE A 264 2.55 -1.88 21.74
N VAL A 265 2.14 -1.86 20.47
CA VAL A 265 3.02 -2.10 19.35
C VAL A 265 2.74 -1.06 18.27
N GLN A 266 3.73 -0.77 17.42
CA GLN A 266 3.53 0.19 16.36
C GLN A 266 4.35 -0.18 15.14
N ASN A 267 3.95 0.32 13.97
CA ASN A 267 4.76 0.25 12.78
C ASN A 267 4.43 1.37 11.81
N SER A 268 5.47 1.97 11.23
CA SER A 268 5.34 2.96 10.18
C SER A 268 6.28 2.64 9.00
N ASN A 269 6.24 1.38 8.58
CA ASN A 269 6.94 0.86 7.41
C ASN A 269 8.42 0.63 7.60
N ASP A 270 8.92 0.72 8.83
CA ASP A 270 10.27 0.25 9.10
C ASP A 270 10.19 -1.25 9.40
N SER A 271 11.35 -1.86 9.69
CA SER A 271 11.41 -3.28 9.94
C SER A 271 10.78 -3.59 11.30
N ALA A 272 10.71 -4.87 11.63
CA ALA A 272 10.19 -5.34 12.91
C ALA A 272 10.98 -4.82 14.12
N TRP A 273 12.26 -4.51 13.92
CA TRP A 273 13.20 -4.19 14.99
C TRP A 273 12.61 -3.40 16.18
N LEU A 274 12.15 -2.18 15.94
CA LEU A 274 11.74 -1.33 17.06
C LEU A 274 10.22 -1.17 17.19
N THR A 275 9.48 -2.22 16.84
CA THR A 275 8.04 -2.27 17.05
C THR A 275 7.62 -1.81 18.46
N ASN A 276 8.35 -2.29 19.46
CA ASN A 276 8.32 -1.68 20.79
C ASN A 276 9.74 -1.77 21.34
N PRO A 277 10.40 -0.61 21.53
CA PRO A 277 11.82 -0.60 21.93
C PRO A 277 12.10 -1.31 23.26
N ALA A 278 11.10 -1.50 24.10
CA ALA A 278 11.34 -2.19 25.36
C ALA A 278 11.62 -3.67 25.08
N SER A 279 11.27 -4.11 23.88
CA SER A 279 11.47 -5.50 23.47
C SER A 279 11.88 -5.58 21.99
N PRO A 280 13.13 -5.23 21.69
CA PRO A 280 13.58 -5.21 20.29
C PRO A 280 13.50 -6.58 19.62
N LEU A 281 13.17 -6.58 18.34
CA LEU A 281 13.06 -7.81 17.57
C LEU A 281 14.29 -7.95 16.68
N GLN A 282 15.10 -8.96 16.97
CA GLN A 282 16.41 -9.14 16.33
C GLN A 282 16.69 -10.59 16.01
N GLY A 283 17.72 -10.82 15.19
CA GLY A 283 18.17 -12.18 14.92
C GLY A 283 17.45 -12.87 13.78
N PHE A 284 16.76 -12.10 12.94
CA PHE A 284 16.06 -12.65 11.79
C PHE A 284 16.93 -12.60 10.53
N SER A 285 16.55 -13.41 9.55
CA SER A 285 17.16 -13.35 8.22
C SER A 285 17.15 -11.92 7.69
N PRO A 286 18.17 -11.56 6.89
CA PRO A 286 18.16 -10.22 6.27
C PRO A 286 17.01 -10.08 5.26
N LEU A 287 16.50 -11.20 4.78
CA LEU A 287 15.33 -11.19 3.90
C LEU A 287 14.07 -10.79 4.66
N VAL A 288 14.13 -10.89 5.97
CA VAL A 288 12.96 -10.75 6.83
C VAL A 288 12.93 -9.42 7.55
N SER A 289 13.98 -9.15 8.34
CA SER A 289 14.01 -7.94 9.15
C SER A 289 15.42 -7.57 9.53
N GLN A 290 15.77 -6.31 9.31
CA GLN A 290 17.10 -5.81 9.66
C GLN A 290 16.98 -4.64 10.63
N GLU A 291 18.05 -4.42 11.39
CA GLU A 291 18.11 -3.30 12.30
C GLU A 291 18.60 -2.04 11.58
N LYS A 292 17.70 -1.43 10.81
CA LYS A 292 17.99 -0.18 10.12
C LYS A 292 17.44 1.00 10.91
N PRO A 293 18.05 2.19 10.74
CA PRO A 293 17.50 3.40 11.36
C PRO A 293 16.04 3.62 10.97
N ILE A 294 15.21 4.00 11.92
CA ILE A 294 13.80 4.16 11.65
C ILE A 294 13.53 5.53 11.04
N GLY A 295 12.52 5.61 10.18
CA GLY A 295 12.11 6.86 9.59
C GLY A 295 11.43 7.78 10.60
N PRO A 296 11.22 9.04 10.22
CA PRO A 296 10.67 10.07 11.12
C PRO A 296 9.21 9.80 11.56
N ARG A 297 8.41 9.09 10.76
CA ARG A 297 7.06 8.78 11.23
C ARG A 297 7.09 7.87 12.46
N ALA A 298 7.91 6.83 12.42
CA ALA A 298 8.02 5.91 13.54
C ALA A 298 8.70 6.59 14.72
N ARG A 299 9.65 7.44 14.41
CA ARG A 299 10.36 8.17 15.45
C ARG A 299 9.41 9.10 16.16
N TYR A 300 8.53 9.73 15.38
CA TYR A 300 7.48 10.57 15.96
C TYR A 300 6.53 9.76 16.84
N ALA A 301 6.03 8.64 16.31
CA ALA A 301 5.07 7.82 17.04
C ALA A 301 5.65 7.38 18.37
N LEU A 302 6.87 6.86 18.34
CA LEU A 302 7.54 6.41 19.54
C LEU A 302 7.72 7.54 20.55
N SER A 303 7.92 8.77 20.08
CA SER A 303 8.09 9.88 21.00
C SER A 303 6.79 10.24 21.72
N ARG A 304 5.64 9.82 21.16
CA ARG A 304 4.36 10.09 21.79
C ARG A 304 3.87 8.89 22.61
N LEU A 305 4.31 7.69 22.23
CA LEU A 305 3.85 6.46 22.86
C LEU A 305 4.65 6.04 24.10
N GLN A 306 5.95 6.31 24.12
CA GLN A 306 6.78 5.94 25.26
C GLN A 306 6.31 6.60 26.56
N GLY A 307 6.58 5.96 27.68
CA GLY A 307 6.20 6.50 28.96
C GLY A 307 5.18 5.65 29.67
N LYS A 308 4.55 6.22 30.69
CA LYS A 308 3.68 5.45 31.55
C LYS A 308 2.28 6.06 31.61
N GLN A 309 2.11 7.21 30.97
CA GLN A 309 0.79 7.84 30.91
C GLN A 309 -0.16 7.09 30.01
N PRO A 310 -1.45 7.00 30.41
CA PRO A 310 -2.45 6.26 29.64
C PRO A 310 -2.71 6.87 28.27
N LEU A 311 -3.03 6.03 27.30
CA LEU A 311 -3.35 6.50 25.97
C LEU A 311 -4.86 6.47 25.77
N GLU A 312 -5.42 7.62 25.43
CA GLU A 312 -6.85 7.72 25.12
C GLU A 312 -7.05 7.60 23.62
N ALA A 313 -8.27 7.31 23.19
CA ALA A 313 -8.58 7.30 21.76
C ALA A 313 -8.21 8.66 21.13
N LYS A 314 -8.55 9.73 21.83
CA LYS A 314 -8.29 11.10 21.39
C LYS A 314 -6.80 11.34 21.14
N THR A 315 -5.97 10.76 21.99
CA THR A 315 -4.53 10.88 21.80
C THR A 315 -4.09 10.33 20.45
N LEU A 316 -4.59 9.15 20.09
CA LEU A 316 -4.21 8.54 18.82
C LEU A 316 -4.76 9.31 17.63
N GLU A 317 -6.00 9.78 17.73
CA GLU A 317 -6.60 10.59 16.68
C GLU A 317 -5.74 11.81 16.36
N GLU A 318 -5.36 12.54 17.42
CA GLU A 318 -4.62 13.79 17.27
C GLU A 318 -3.18 13.60 16.82
N MET A 319 -2.61 12.41 17.04
CA MET A 319 -1.35 12.08 16.39
C MET A 319 -1.49 12.17 14.87
N VAL A 320 -2.67 11.87 14.35
CA VAL A 320 -2.91 12.06 12.92
C VAL A 320 -3.30 13.50 12.58
N THR A 321 -4.25 14.07 13.32
CA THR A 321 -4.84 15.34 12.91
C THR A 321 -4.01 16.55 13.31
N ALA A 322 -2.96 16.35 14.10
CA ALA A 322 -2.07 17.47 14.40
C ALA A 322 -1.28 17.91 13.17
N ASN A 323 -1.06 16.99 12.23
CA ASN A 323 -0.24 17.24 11.05
C ASN A 323 1.14 17.79 11.37
N HIS A 324 1.74 17.31 12.45
CA HIS A 324 3.04 17.82 12.85
C HIS A 324 4.15 17.30 11.91
N VAL A 325 5.00 18.21 11.45
CA VAL A 325 6.11 17.84 10.58
C VAL A 325 7.33 17.52 11.46
N PHE A 326 7.43 16.26 11.86
CA PHE A 326 8.39 15.85 12.88
C PHE A 326 9.84 16.06 12.47
N SER A 327 10.11 15.99 11.17
CA SER A 327 11.46 16.26 10.66
C SER A 327 11.98 17.63 11.08
N ALA A 328 11.08 18.59 11.25
CA ALA A 328 11.48 19.93 11.66
C ALA A 328 12.15 19.92 13.04
N ASP A 329 11.76 18.99 13.89
CA ASP A 329 12.30 18.91 15.25
C ASP A 329 13.80 18.58 15.25
N GLN A 330 14.28 17.91 14.22
CA GLN A 330 15.70 17.58 14.15
C GLN A 330 16.51 18.68 13.49
N VAL A 331 15.87 19.47 12.64
CA VAL A 331 16.61 20.36 11.74
C VAL A 331 16.31 21.85 11.98
N LEU A 332 15.05 22.18 12.22
CA LEU A 332 14.63 23.58 12.26
C LEU A 332 15.30 24.46 13.33
N PRO A 333 15.49 23.94 14.56
CA PRO A 333 16.15 24.83 15.54
C PRO A 333 17.53 25.33 15.07
N ASP A 334 18.38 24.42 14.60
CA ASP A 334 19.71 24.85 14.16
C ASP A 334 19.61 25.67 12.88
N LEU A 335 18.65 25.35 12.03
CA LEU A 335 18.44 26.13 10.82
C LEU A 335 18.08 27.57 11.17
N LEU A 336 17.20 27.76 12.13
CA LEU A 336 16.79 29.09 12.54
C LEU A 336 17.97 29.85 13.13
N ARG A 337 18.90 29.13 13.78
CA ARG A 337 20.10 29.75 14.33
C ARG A 337 21.00 30.27 13.21
N LEU A 338 21.14 29.48 12.15
CA LEU A 338 21.92 29.89 11.00
C LEU A 338 21.32 31.14 10.36
N CYS A 339 19.99 31.21 10.33
CA CYS A 339 19.28 32.39 9.85
C CYS A 339 19.65 33.65 10.65
N ARG A 340 19.65 33.53 11.98
CA ARG A 340 19.99 34.66 12.83
C ARG A 340 21.45 35.06 12.66
N ASP A 341 22.28 34.13 12.22
CA ASP A 341 23.69 34.42 12.00
C ASP A 341 23.94 35.05 10.62
N ASN A 342 22.89 35.10 9.80
CA ASN A 342 23.04 35.60 8.44
C ASN A 342 21.99 36.64 8.06
N GLN A 343 21.56 37.46 9.01
CA GLN A 343 20.64 38.54 8.70
C GLN A 343 21.40 39.55 7.85
N GLY A 344 20.72 40.15 6.90
CA GLY A 344 21.38 41.06 5.97
C GLY A 344 21.64 40.39 4.65
N GLU A 345 21.78 39.07 4.66
CA GLU A 345 21.82 38.31 3.43
C GLU A 345 20.41 38.33 2.86
N LYS A 346 20.14 39.33 2.04
CA LYS A 346 18.80 39.57 1.52
C LYS A 346 18.20 38.33 0.85
N SER A 347 19.05 37.51 0.25
CA SER A 347 18.59 36.31 -0.44
C SER A 347 17.96 35.30 0.52
N LEU A 348 18.32 35.41 1.79
CA LEU A 348 17.78 34.52 2.82
C LEU A 348 16.61 35.15 3.56
N ALA A 349 16.34 36.42 3.30
CA ALA A 349 15.39 37.19 4.10
C ALA A 349 13.98 36.60 4.11
N ARG A 350 13.37 36.41 2.94
CA ARG A 350 12.02 35.89 2.85
C ARG A 350 11.90 34.49 3.47
N ALA A 351 12.87 33.64 3.13
CA ALA A 351 12.91 32.27 3.63
C ALA A 351 12.95 32.22 5.16
N CYS A 352 13.89 32.95 5.74
CA CYS A 352 14.09 32.93 7.18
C CYS A 352 12.89 33.47 7.94
N ALA A 353 12.23 34.49 7.40
CA ALA A 353 10.99 34.99 7.98
C ALA A 353 9.93 33.88 7.97
N ALA A 354 9.67 33.32 6.79
CA ALA A 354 8.65 32.28 6.62
C ALA A 354 8.87 31.10 7.55
N LEU A 355 10.12 30.69 7.68
CA LEU A 355 10.48 29.57 8.56
C LEU A 355 10.25 29.93 10.03
N ALA A 356 10.44 31.19 10.37
CA ALA A 356 10.27 31.65 11.75
C ALA A 356 8.80 31.77 12.17
N GLN A 357 7.93 32.16 11.24
CA GLN A 357 6.49 32.27 11.53
C GLN A 357 5.80 30.90 11.52
N TRP A 358 6.41 29.93 10.86
CA TRP A 358 5.82 28.62 10.61
C TRP A 358 5.45 27.86 11.87
N ASP A 359 4.23 27.31 11.90
CA ASP A 359 3.76 26.52 13.04
C ASP A 359 4.28 25.07 13.03
N ARG A 360 5.21 24.77 12.12
CA ARG A 360 5.84 23.44 12.01
C ARG A 360 4.84 22.32 11.66
N GLY A 361 3.72 22.72 11.06
CA GLY A 361 2.70 21.77 10.69
C GLY A 361 2.39 21.76 9.20
N ALA A 362 1.62 20.77 8.79
CA ALA A 362 1.09 20.69 7.44
C ALA A 362 -0.43 20.88 7.48
N ASN A 363 -0.89 21.84 8.29
CA ASN A 363 -2.30 22.17 8.35
C ASN A 363 -2.73 23.05 7.18
N LEU A 364 -4.04 23.15 6.96
CA LEU A 364 -4.57 24.03 5.93
C LEU A 364 -4.05 25.46 6.13
N ASP A 365 -3.96 25.87 7.40
CA ASP A 365 -3.55 27.22 7.77
C ASP A 365 -2.04 27.41 7.90
N SER A 366 -1.28 26.35 7.75
CA SER A 366 0.18 26.45 7.89
C SER A 366 0.79 27.40 6.85
N GLY A 367 1.73 28.23 7.27
CA GLY A 367 2.34 29.20 6.38
C GLY A 367 3.33 28.61 5.41
N SER A 368 3.85 29.45 4.51
CA SER A 368 4.76 29.03 3.44
C SER A 368 6.10 28.51 3.96
N GLY A 369 6.34 28.63 5.27
CA GLY A 369 7.48 28.00 5.90
C GLY A 369 7.59 26.50 5.61
N PHE A 370 6.45 25.82 5.48
CA PHE A 370 6.46 24.40 5.12
C PHE A 370 7.08 24.19 3.74
N VAL A 371 6.69 25.02 2.78
CA VAL A 371 7.20 24.89 1.42
C VAL A 371 8.71 25.16 1.39
N TYR A 372 9.16 26.18 2.14
CA TYR A 372 10.59 26.45 2.23
C TYR A 372 11.33 25.29 2.90
N PHE A 373 10.73 24.73 3.93
CA PHE A 373 11.36 23.64 4.68
C PHE A 373 11.50 22.38 3.84
N GLN A 374 10.44 22.05 3.11
CA GLN A 374 10.47 20.89 2.20
C GLN A 374 11.60 20.99 1.18
N ARG A 375 11.70 22.12 0.49
CA ARG A 375 12.74 22.28 -0.52
C ARG A 375 14.14 22.30 0.09
N PHE A 376 14.26 22.80 1.32
CA PHE A 376 15.54 22.77 2.00
C PHE A 376 15.92 21.35 2.35
N MET A 377 14.99 20.61 2.96
CA MET A 377 15.22 19.24 3.39
C MET A 377 15.64 18.32 2.23
N GLN A 378 15.07 18.57 1.06
CA GLN A 378 15.40 17.79 -0.11
C GLN A 378 16.87 17.98 -0.47
N ARG A 379 17.37 19.18 -0.24
CA ARG A 379 18.78 19.46 -0.48
C ARG A 379 19.64 19.01 0.69
N PHE A 380 19.12 19.17 1.89
CA PHE A 380 19.84 18.78 3.10
C PHE A 380 20.13 17.29 3.08
N ALA A 381 19.20 16.54 2.51
CA ALA A 381 19.29 15.09 2.47
C ALA A 381 20.44 14.61 1.60
N GLU A 382 20.91 15.47 0.71
CA GLU A 382 21.99 15.09 -0.21
C GLU A 382 23.37 15.49 0.30
N LEU A 383 23.43 16.26 1.38
CA LEU A 383 24.71 16.67 1.94
C LEU A 383 25.37 15.54 2.73
N ASP A 384 26.69 15.58 2.85
CA ASP A 384 27.42 14.55 3.57
C ASP A 384 27.92 15.04 4.92
N GLY A 385 27.67 14.24 5.95
CA GLY A 385 28.10 14.57 7.31
C GLY A 385 27.64 15.93 7.80
N ALA A 386 26.36 16.24 7.63
CA ALA A 386 25.82 17.52 8.04
C ALA A 386 25.10 17.44 9.38
N TRP A 387 24.78 16.23 9.83
CA TRP A 387 24.13 16.01 11.11
C TRP A 387 25.06 16.34 12.27
N LYS A 388 24.56 17.08 13.26
CA LYS A 388 25.39 17.35 14.43
C LYS A 388 25.65 16.06 15.18
N GLU A 389 24.63 15.23 15.33
CA GLU A 389 24.84 13.90 15.86
C GLU A 389 24.22 12.90 14.92
N PRO A 390 25.06 12.15 14.19
CA PRO A 390 24.62 11.16 13.20
C PRO A 390 23.83 10.04 13.86
N PHE A 391 23.22 9.15 13.06
CA PHE A 391 22.53 8.00 13.61
C PHE A 391 23.43 7.22 14.55
N ASP A 392 22.91 6.95 15.74
CA ASP A 392 23.62 6.18 16.74
C ASP A 392 22.78 4.95 17.08
N ALA A 393 23.32 3.77 16.76
CA ALA A 393 22.56 2.54 16.91
C ALA A 393 22.21 2.26 18.37
N GLN A 394 22.96 2.88 19.29
CA GLN A 394 22.69 2.74 20.71
C GLN A 394 21.70 3.80 21.20
N ARG A 395 21.36 4.75 20.34
CA ARG A 395 20.29 5.72 20.63
C ARG A 395 19.42 5.92 19.39
N PRO A 396 18.73 4.86 18.96
CA PRO A 396 18.03 4.84 17.66
C PRO A 396 16.79 5.74 17.60
N LEU A 397 16.27 6.13 18.75
CA LEU A 397 15.05 6.95 18.77
C LEU A 397 15.36 8.44 18.70
N ASP A 398 16.61 8.79 19.01
CA ASP A 398 17.00 10.17 19.24
C ASP A 398 18.02 10.67 18.23
N THR A 399 18.37 9.84 17.25
CA THR A 399 19.37 10.22 16.27
C THR A 399 18.89 9.82 14.89
N PRO A 400 19.28 10.60 13.86
CA PRO A 400 20.15 11.78 13.93
C PRO A 400 19.44 13.04 14.40
N GLN A 401 20.22 14.05 14.80
CA GLN A 401 19.66 15.29 15.33
C GLN A 401 20.61 16.47 15.06
N GLY A 402 20.03 17.60 14.66
CA GLY A 402 20.77 18.84 14.58
C GLY A 402 21.62 19.02 13.34
N ILE A 403 22.09 20.24 13.13
CA ILE A 403 22.97 20.56 12.01
C ILE A 403 24.39 20.85 12.52
N ALA A 404 25.39 20.24 11.90
CA ALA A 404 26.77 20.40 12.35
C ALA A 404 27.34 21.77 11.97
N LEU A 405 26.74 22.82 12.52
CA LEU A 405 27.10 24.20 12.17
C LEU A 405 28.49 24.58 12.68
N ASP A 406 29.07 23.76 13.55
CA ASP A 406 30.41 24.03 14.09
C ASP A 406 31.50 23.65 13.10
N ARG A 407 31.13 22.93 12.05
CA ARG A 407 32.06 22.62 10.97
C ARG A 407 31.80 23.55 9.79
N PRO A 408 32.78 24.42 9.48
CA PRO A 408 32.69 25.44 8.42
C PRO A 408 32.22 24.91 7.07
N GLN A 409 32.70 23.74 6.66
CA GLN A 409 32.33 23.17 5.38
C GLN A 409 30.84 22.79 5.37
N VAL A 410 30.31 22.52 6.55
CA VAL A 410 28.91 22.17 6.67
C VAL A 410 28.06 23.45 6.70
N ALA A 411 28.49 24.41 7.50
CA ALA A 411 27.81 25.71 7.59
C ALA A 411 27.70 26.39 6.23
N THR A 412 28.76 26.34 5.41
CA THR A 412 28.73 26.94 4.09
C THR A 412 27.72 26.23 3.18
N GLN A 413 27.72 24.90 3.24
CA GLN A 413 26.84 24.10 2.38
C GLN A 413 25.37 24.16 2.79
N VAL A 414 25.11 24.29 4.08
CA VAL A 414 23.74 24.34 4.56
C VAL A 414 23.12 25.66 4.15
N ARG A 415 23.89 26.72 4.31
CA ARG A 415 23.49 28.07 3.91
C ARG A 415 23.23 28.10 2.41
N GLN A 416 24.05 27.40 1.64
CA GLN A 416 23.87 27.36 0.20
C GLN A 416 22.60 26.61 -0.15
N ALA A 417 22.36 25.50 0.54
CA ALA A 417 21.14 24.73 0.31
C ALA A 417 19.90 25.57 0.64
N LEU A 418 20.00 26.38 1.68
CA LEU A 418 18.87 27.23 2.04
C LEU A 418 18.65 28.30 0.98
N ALA A 419 19.77 28.86 0.48
CA ALA A 419 19.71 29.85 -0.59
C ALA A 419 19.10 29.27 -1.85
N ASP A 420 19.53 28.07 -2.22
CA ASP A 420 19.04 27.42 -3.43
C ASP A 420 17.56 27.14 -3.31
N ALA A 421 17.16 26.59 -2.16
CA ALA A 421 15.77 26.28 -1.90
C ALA A 421 14.91 27.54 -1.94
N ALA A 422 15.41 28.61 -1.33
CA ALA A 422 14.66 29.85 -1.28
C ALA A 422 14.46 30.39 -2.68
N ALA A 423 15.51 30.37 -3.48
CA ALA A 423 15.43 30.81 -4.87
C ALA A 423 14.39 29.98 -5.61
N GLU A 424 14.43 28.67 -5.40
CA GLU A 424 13.51 27.77 -6.08
C GLU A 424 12.05 28.07 -5.75
N VAL A 425 11.78 28.30 -4.48
CA VAL A 425 10.41 28.58 -4.04
C VAL A 425 9.91 29.91 -4.61
N GLU A 426 10.75 30.93 -4.52
CA GLU A 426 10.38 32.26 -4.98
C GLU A 426 10.34 32.31 -6.52
N LYS A 427 11.05 31.39 -7.16
CA LYS A 427 11.02 31.27 -8.61
C LYS A 427 9.64 30.81 -9.05
N SER A 428 9.04 29.93 -8.25
CA SER A 428 7.70 29.44 -8.55
C SER A 428 6.66 30.51 -8.31
N GLY A 429 5.41 30.18 -8.57
CA GLY A 429 4.32 31.12 -8.41
C GLY A 429 3.52 30.88 -7.14
N ILE A 430 4.11 31.17 -6.00
CA ILE A 430 3.38 31.13 -4.74
C ILE A 430 3.07 32.55 -4.29
N PRO A 431 1.78 32.90 -4.29
CA PRO A 431 1.28 34.23 -3.92
C PRO A 431 1.75 34.69 -2.55
N ASP A 432 1.60 35.99 -2.28
CA ASP A 432 1.92 36.53 -0.96
C ASP A 432 1.00 35.89 0.08
N GLY A 433 1.60 35.32 1.12
CA GLY A 433 0.85 34.78 2.24
C GLY A 433 -0.09 33.63 1.91
N ALA A 434 0.22 32.87 0.87
CA ALA A 434 -0.54 31.68 0.57
C ALA A 434 -0.28 30.64 1.65
N ARG A 435 -1.35 29.99 2.12
CA ARG A 435 -1.21 28.96 3.14
C ARG A 435 -1.16 27.59 2.45
N TRP A 436 -0.72 26.57 3.19
CA TRP A 436 -0.53 25.24 2.63
C TRP A 436 -1.81 24.71 2.01
N GLY A 437 -2.93 24.96 2.68
CA GLY A 437 -4.25 24.61 2.17
C GLY A 437 -4.61 25.25 0.84
N ASP A 438 -4.08 26.44 0.56
CA ASP A 438 -4.27 27.09 -0.74
C ASP A 438 -3.61 26.28 -1.86
N LEU A 439 -2.57 25.50 -1.51
CA LEU A 439 -1.70 24.86 -2.51
C LEU A 439 -2.03 23.38 -2.72
N GLN A 440 -2.24 22.64 -1.63
CA GLN A 440 -2.51 21.22 -1.73
C GLN A 440 -4.01 20.93 -1.73
N VAL A 441 -4.50 20.40 -2.84
CA VAL A 441 -5.93 20.15 -2.99
C VAL A 441 -6.23 18.79 -3.61
N SER A 442 -7.50 18.42 -3.58
CA SER A 442 -7.98 17.29 -4.34
C SER A 442 -9.11 17.79 -5.22
N THR A 443 -8.98 17.56 -6.51
CA THR A 443 -9.96 18.04 -7.47
C THR A 443 -11.18 17.13 -7.48
N ARG A 444 -12.36 17.76 -7.47
CA ARG A 444 -13.63 17.05 -7.54
CA ARG A 444 -13.63 17.05 -7.54
C ARG A 444 -14.50 17.75 -8.59
N GLY A 445 -14.60 17.13 -9.76
CA GLY A 445 -15.27 17.75 -10.88
C GLY A 445 -14.47 18.98 -11.26
N GLN A 446 -15.07 20.16 -11.10
CA GLN A 446 -14.34 21.38 -11.40
C GLN A 446 -14.11 22.21 -10.13
N GLU A 447 -14.44 21.66 -8.97
CA GLU A 447 -14.05 22.29 -7.71
C GLU A 447 -12.79 21.64 -7.13
N ARG A 448 -12.20 22.31 -6.15
CA ARG A 448 -11.07 21.78 -5.41
C ARG A 448 -11.43 21.76 -3.94
N ILE A 449 -10.89 20.79 -3.22
CA ILE A 449 -11.03 20.74 -1.78
C ILE A 449 -9.63 20.77 -1.16
N ALA A 450 -9.39 21.70 -0.24
CA ALA A 450 -8.10 21.79 0.43
C ALA A 450 -7.85 20.57 1.31
N ILE A 451 -6.65 19.98 1.21
CA ILE A 451 -6.33 18.75 1.92
C ILE A 451 -5.15 18.93 2.87
N PRO A 452 -5.35 18.68 4.17
CA PRO A 452 -4.25 18.80 5.13
C PRO A 452 -3.36 17.57 5.13
N GLY A 453 -2.14 17.71 5.62
CA GLY A 453 -1.18 16.62 5.57
C GLY A 453 -0.03 16.91 4.65
N GLY A 454 1.03 16.11 4.75
CA GLY A 454 2.23 16.33 3.97
C GLY A 454 2.98 15.04 3.83
N ASP A 455 4.10 15.08 3.12
CA ASP A 455 4.80 13.85 2.79
C ASP A 455 5.35 13.15 4.02
N GLY A 456 5.18 11.84 4.08
CA GLY A 456 5.61 11.05 5.20
C GLY A 456 7.12 11.08 5.42
N HIS A 457 7.86 11.29 4.35
CA HIS A 457 9.32 11.39 4.45
C HIS A 457 9.78 12.58 5.29
N PHE A 458 8.90 13.56 5.51
CA PHE A 458 9.19 14.69 6.40
C PHE A 458 8.62 14.45 7.79
N GLY A 459 8.13 13.24 8.03
CA GLY A 459 7.65 12.87 9.34
C GLY A 459 6.27 13.38 9.69
N VAL A 460 5.43 13.62 8.68
CA VAL A 460 4.04 13.96 8.94
C VAL A 460 3.30 12.65 9.10
N TYR A 461 2.73 12.40 10.27
CA TYR A 461 2.07 11.12 10.51
C TYR A 461 0.91 10.96 9.53
N ASN A 462 0.14 12.04 9.36
CA ASN A 462 -0.88 12.12 8.32
C ASN A 462 -0.21 12.32 6.96
N ALA A 463 0.34 11.25 6.41
CA ALA A 463 1.11 11.32 5.18
C ALA A 463 0.22 11.57 3.98
N ILE A 464 0.54 12.62 3.21
CA ILE A 464 -0.17 12.95 1.98
C ILE A 464 0.83 13.17 0.85
N GLN A 465 0.66 12.45 -0.24
CA GLN A 465 1.52 12.58 -1.40
C GLN A 465 0.80 13.36 -2.49
N SER A 466 1.46 14.40 -3.01
CA SER A 466 0.90 15.26 -4.06
C SER A 466 1.85 15.45 -5.23
N VAL A 467 1.30 15.74 -6.41
CA VAL A 467 2.09 16.15 -7.58
C VAL A 467 1.66 17.53 -8.11
N ARG A 468 2.61 18.27 -8.67
CA ARG A 468 2.31 19.56 -9.28
C ARG A 468 1.43 19.39 -10.50
N LYS A 469 0.28 20.06 -10.51
CA LYS A 469 -0.57 20.12 -11.70
C LYS A 469 -1.06 21.54 -11.90
N GLY A 470 -0.54 22.20 -12.93
CA GLY A 470 -0.83 23.60 -13.16
C GLY A 470 -0.52 24.47 -11.96
N ASP A 471 -1.57 25.03 -11.38
CA ASP A 471 -1.43 26.02 -10.31
C ASP A 471 -1.51 25.43 -8.90
N HIS A 472 -1.44 24.10 -8.77
CA HIS A 472 -1.64 23.48 -7.47
C HIS A 472 -0.90 22.14 -7.30
N LEU A 473 -0.92 21.62 -6.08
CA LEU A 473 -0.47 20.27 -5.80
C LEU A 473 -1.72 19.36 -5.72
N GLU A 474 -1.83 18.42 -6.64
CA GLU A 474 -2.95 17.49 -6.65
C GLU A 474 -2.62 16.24 -5.83
N VAL A 475 -3.42 15.95 -4.80
CA VAL A 475 -3.20 14.77 -3.98
C VAL A 475 -3.33 13.48 -4.81
N VAL A 476 -2.34 12.59 -4.72
CA VAL A 476 -2.41 11.31 -5.44
C VAL A 476 -2.52 10.10 -4.51
N GLY A 477 -2.03 10.23 -3.28
CA GLY A 477 -2.08 9.11 -2.37
C GLY A 477 -1.85 9.55 -0.95
N GLY A 478 -2.02 8.63 -0.01
CA GLY A 478 -1.74 8.88 1.38
C GLY A 478 -2.84 8.38 2.29
N THR A 479 -3.01 9.07 3.42
CA THR A 479 -4.10 8.80 4.32
C THR A 479 -5.39 8.53 3.52
N SER A 480 -6.03 7.43 3.83
CA SER A 480 -7.06 6.89 2.96
C SER A 480 -8.21 6.40 3.82
N TYR A 481 -8.23 5.11 4.15
CA TYR A 481 -9.18 4.60 5.14
C TYR A 481 -8.62 4.83 6.54
N ILE A 482 -9.37 5.53 7.39
CA ILE A 482 -9.02 5.70 8.79
C ILE A 482 -9.98 4.97 9.68
N GLN A 483 -9.47 4.11 10.56
CA GLN A 483 -10.34 3.59 11.61
C GLN A 483 -9.60 3.60 12.94
N LEU A 484 -10.31 4.10 13.95
CA LEU A 484 -9.85 4.10 15.32
C LEU A 484 -10.89 3.32 16.12
N VAL A 485 -10.48 2.19 16.68
CA VAL A 485 -11.43 1.29 17.32
C VAL A 485 -11.15 1.10 18.81
N THR A 486 -12.19 1.25 19.63
CA THR A 486 -12.15 0.89 21.03
C THR A 486 -13.25 -0.11 21.34
N PHE A 487 -13.27 -0.62 22.58
CA PHE A 487 -14.19 -1.69 22.92
C PHE A 487 -14.98 -1.42 24.22
N PRO A 488 -15.89 -0.44 24.19
CA PRO A 488 -16.78 -0.26 25.35
C PRO A 488 -17.77 -1.42 25.45
N GLU A 489 -18.34 -1.63 26.63
CA GLU A 489 -19.20 -2.79 26.90
C GLU A 489 -20.37 -2.93 25.95
N GLU A 490 -20.86 -1.80 25.45
CA GLU A 490 -21.97 -1.80 24.51
C GLU A 490 -21.61 -2.51 23.20
N GLY A 491 -20.33 -2.49 22.83
CA GLY A 491 -19.91 -3.02 21.54
C GLY A 491 -18.82 -2.16 20.96
N PRO A 492 -18.20 -2.62 19.86
CA PRO A 492 -17.09 -1.92 19.21
C PRO A 492 -17.45 -0.48 18.91
N LYS A 493 -16.65 0.45 19.39
CA LYS A 493 -16.81 1.83 18.97
C LYS A 493 -15.72 2.18 17.95
N ALA A 494 -16.13 2.35 16.70
CA ALA A 494 -15.18 2.67 15.64
C ALA A 494 -15.42 4.07 15.11
N ARG A 495 -14.32 4.79 14.88
CA ARG A 495 -14.36 6.16 14.44
C ARG A 495 -13.35 6.37 13.31
N GLY A 496 -13.73 7.14 12.29
CA GLY A 496 -12.82 7.42 11.19
C GLY A 496 -13.47 8.03 9.96
N LEU A 497 -12.87 7.76 8.81
CA LEU A 497 -13.28 8.35 7.54
C LEU A 497 -12.64 7.58 6.41
N LEU A 498 -13.21 7.74 5.23
CA LEU A 498 -12.52 7.38 4.01
C LEU A 498 -12.24 8.70 3.29
N ALA A 499 -10.97 9.12 3.32
CA ALA A 499 -10.56 10.47 2.94
C ALA A 499 -11.06 10.92 1.57
N PHE A 500 -11.02 10.02 0.60
CA PHE A 500 -11.37 10.36 -0.78
C PHE A 500 -12.83 9.99 -1.12
N SER A 501 -13.59 9.57 -0.10
CA SER A 501 -15.03 9.19 -0.21
C SER A 501 -15.26 7.86 -0.93
N GLN A 502 -16.47 7.31 -0.75
CA GLN A 502 -16.78 5.96 -1.25
C GLN A 502 -16.64 5.80 -2.76
N SER A 503 -17.07 6.82 -3.51
CA SER A 503 -17.17 6.64 -4.96
C SER A 503 -16.14 7.44 -5.73
N SER A 504 -15.56 6.82 -6.76
CA SER A 504 -14.66 7.51 -7.68
C SER A 504 -15.43 8.20 -8.83
N ASP A 505 -16.75 8.01 -8.84
CA ASP A 505 -17.58 8.58 -9.91
C ASP A 505 -18.17 9.93 -9.51
N PRO A 506 -17.87 10.97 -10.30
CA PRO A 506 -18.33 12.35 -10.10
C PRO A 506 -19.86 12.48 -10.00
N ARG A 507 -20.58 11.54 -10.60
CA ARG A 507 -22.04 11.58 -10.56
C ARG A 507 -22.60 11.16 -9.20
N SER A 508 -21.77 10.52 -8.39
CA SER A 508 -22.26 9.91 -7.16
C SER A 508 -22.48 10.92 -6.04
N PRO A 509 -23.52 10.70 -5.24
CA PRO A 509 -23.73 11.50 -4.02
C PRO A 509 -22.60 11.32 -3.01
N HIS A 510 -21.74 10.32 -3.24
CA HIS A 510 -20.66 9.98 -2.32
C HIS A 510 -19.30 10.10 -2.99
N TYR A 511 -19.20 11.09 -3.87
CA TYR A 511 -17.97 11.42 -4.58
C TYR A 511 -17.04 12.29 -3.72
N ARG A 512 -17.62 13.16 -2.89
CA ARG A 512 -16.80 14.09 -2.14
C ARG A 512 -17.30 14.38 -0.73
N ASP A 513 -18.31 13.66 -0.26
CA ASP A 513 -18.91 14.02 1.03
C ASP A 513 -17.94 13.76 2.17
N GLN A 514 -17.21 12.65 2.13
CA GLN A 514 -16.23 12.40 3.18
C GLN A 514 -14.96 13.24 2.97
N THR A 515 -14.73 13.69 1.75
CA THR A 515 -13.54 14.47 1.48
C THR A 515 -13.64 15.87 2.07
N GLU A 516 -14.84 16.45 1.99
CA GLU A 516 -15.12 17.70 2.67
C GLU A 516 -14.86 17.55 4.16
N LEU A 517 -15.20 16.38 4.71
CA LEU A 517 -15.03 16.13 6.12
C LEU A 517 -13.56 15.92 6.47
N PHE A 518 -12.82 15.24 5.57
CA PHE A 518 -11.41 15.04 5.78
C PHE A 518 -10.71 16.39 5.78
N SER A 519 -11.16 17.30 4.93
CA SER A 519 -10.57 18.62 4.83
C SER A 519 -10.63 19.33 6.20
N ARG A 520 -11.76 19.21 6.87
CA ARG A 520 -11.98 19.83 8.19
C ARG A 520 -11.54 18.90 9.33
N GLN A 521 -11.04 17.72 8.96
CA GLN A 521 -10.56 16.72 9.90
C GLN A 521 -11.60 16.33 10.95
N GLN A 522 -12.82 16.09 10.48
CA GLN A 522 -13.93 15.74 11.35
C GLN A 522 -14.30 14.26 11.15
N TRP A 523 -13.73 13.40 11.99
CA TRP A 523 -13.98 11.96 11.87
C TRP A 523 -15.39 11.62 12.32
N GLN A 524 -15.89 10.48 11.87
CA GLN A 524 -17.28 10.13 12.12
C GLN A 524 -17.41 8.70 12.66
N THR A 525 -18.58 8.42 13.24
CA THR A 525 -18.90 7.06 13.66
C THR A 525 -18.88 6.11 12.47
N LEU A 526 -18.31 4.94 12.65
CA LEU A 526 -18.48 3.86 11.70
C LEU A 526 -19.51 2.89 12.30
N PRO A 527 -20.77 2.95 11.86
CA PRO A 527 -21.83 2.17 12.55
C PRO A 527 -21.71 0.67 12.32
N PHE A 528 -21.72 -0.11 13.40
CA PHE A 528 -21.51 -1.56 13.31
C PHE A 528 -22.70 -2.36 13.84
N SER A 529 -23.21 -1.98 15.01
CA SER A 529 -24.34 -2.68 15.59
C SER A 529 -25.61 -2.33 14.85
N ASP A 530 -26.58 -3.25 14.85
CA ASP A 530 -27.91 -3.00 14.29
C ASP A 530 -28.54 -1.74 14.87
N ARG A 531 -28.34 -1.52 16.16
CA ARG A 531 -28.85 -0.30 16.79
C ARG A 531 -28.15 0.98 16.24
N GLN A 532 -26.83 0.92 16.01
CA GLN A 532 -26.16 2.06 15.41
C GLN A 532 -26.67 2.28 13.99
N ILE A 533 -26.84 1.20 13.25
CA ILE A 533 -27.26 1.29 11.86
C ILE A 533 -28.67 1.85 11.76
N ASP A 534 -29.56 1.41 12.65
CA ASP A 534 -30.94 1.85 12.60
C ASP A 534 -31.11 3.29 13.10
N ALA A 535 -30.17 3.76 13.92
CA ALA A 535 -30.20 5.14 14.41
C ALA A 535 -29.79 6.16 13.35
N ASP A 536 -29.25 5.72 12.23
CA ASP A 536 -28.81 6.64 11.17
C ASP A 536 -29.99 7.17 10.34
N PRO A 537 -30.21 8.49 10.37
CA PRO A 537 -31.35 9.09 9.65
C PRO A 537 -31.23 8.99 8.13
N GLN A 538 -30.04 8.66 7.62
CA GLN A 538 -29.85 8.47 6.19
C GLN A 538 -30.02 7.02 5.75
N LEU A 539 -30.48 6.16 6.65
CA LEU A 539 -30.58 4.73 6.36
C LEU A 539 -31.39 4.43 5.10
N GLN A 540 -30.80 3.64 4.20
CA GLN A 540 -31.53 3.11 3.05
C GLN A 540 -31.34 1.61 2.98
N ARG A 541 -32.34 0.92 2.43
CA ARG A 541 -32.32 -0.53 2.38
C ARG A 541 -32.82 -1.04 1.04
N LEU A 542 -32.18 -2.08 0.55
CA LEU A 542 -32.59 -2.74 -0.69
C LEU A 542 -32.28 -4.23 -0.56
N SER A 543 -33.26 -5.08 -0.87
CA SER A 543 -33.02 -6.52 -0.92
C SER A 543 -33.03 -6.94 -2.39
N ILE A 544 -32.10 -7.80 -2.78
CA ILE A 544 -32.03 -8.23 -4.18
C ILE A 544 -31.79 -9.71 -4.29
N ARG A 545 -32.28 -10.32 -5.37
CA ARG A 545 -31.99 -11.72 -5.63
C ARG A 545 -32.08 -12.03 -7.12
N GLU A 546 -31.53 -13.17 -7.51
CA GLU A 546 -31.69 -13.70 -8.86
C GLU A 546 -31.35 -15.19 -8.83
N ALA A 547 -31.88 -15.96 -9.77
CA ALA A 547 -31.58 -17.39 -9.82
C ALA A 547 -30.10 -17.62 -10.14
N ALA A 548 -29.57 -18.75 -9.68
CA ALA A 548 -28.19 -19.11 -10.03
C ALA A 548 -28.13 -19.66 -11.45
N THR B 2 -27.01 -21.73 -5.96
CA THR B 2 -28.39 -22.05 -6.29
C THR B 2 -29.35 -21.11 -5.55
N GLY B 3 -29.34 -19.85 -5.97
CA GLY B 3 -30.10 -18.81 -5.31
C GLY B 3 -29.17 -17.79 -4.69
N LEU B 4 -29.01 -16.65 -5.36
CA LEU B 4 -28.25 -15.53 -4.82
C LEU B 4 -29.19 -14.46 -4.30
N ALA B 5 -29.00 -14.09 -3.04
CA ALA B 5 -29.85 -13.10 -2.43
C ALA B 5 -29.05 -12.38 -1.38
N ALA B 6 -29.26 -11.08 -1.30
CA ALA B 6 -28.59 -10.27 -0.31
C ALA B 6 -29.52 -9.20 0.21
N ASP B 7 -29.31 -8.83 1.46
CA ASP B 7 -29.98 -7.68 2.01
C ASP B 7 -28.96 -6.57 2.28
N ILE B 8 -29.15 -5.40 1.68
CA ILE B 8 -28.18 -4.31 1.81
C ILE B 8 -28.78 -3.10 2.53
N ARG B 9 -28.05 -2.59 3.50
CA ARG B 9 -28.39 -1.32 4.12
C ARG B 9 -27.24 -0.35 3.88
N TRP B 10 -27.57 0.89 3.53
CA TRP B 10 -26.57 1.95 3.41
C TRP B 10 -26.76 2.96 4.52
N THR B 11 -25.68 3.26 5.24
CA THR B 11 -25.71 4.31 6.23
C THR B 11 -25.12 5.59 5.60
N ALA B 12 -24.90 6.61 6.42
CA ALA B 12 -24.35 7.87 5.93
C ALA B 12 -23.09 7.63 5.11
N TYR B 13 -22.91 8.45 4.07
CA TYR B 13 -21.71 8.45 3.20
C TYR B 13 -21.69 7.26 2.25
N GLY B 14 -22.81 6.55 2.15
CA GLY B 14 -22.96 5.45 1.20
C GLY B 14 -22.16 4.21 1.57
N VAL B 15 -22.01 3.98 2.88
CA VAL B 15 -21.37 2.75 3.38
C VAL B 15 -22.38 1.61 3.39
N PRO B 16 -22.10 0.52 2.65
CA PRO B 16 -23.06 -0.59 2.59
C PRO B 16 -22.86 -1.63 3.71
N HIS B 17 -23.97 -2.16 4.19
CA HIS B 17 -23.98 -3.22 5.19
C HIS B 17 -24.70 -4.39 4.55
N ILE B 18 -23.95 -5.43 4.22
CA ILE B 18 -24.50 -6.54 3.46
C ILE B 18 -24.76 -7.72 4.37
N ARG B 19 -25.99 -8.23 4.30
CA ARG B 19 -26.40 -9.41 5.06
C ARG B 19 -26.85 -10.51 4.11
N ALA B 20 -26.37 -11.72 4.32
CA ALA B 20 -26.77 -12.84 3.47
C ALA B 20 -26.64 -14.13 4.26
N LYS B 21 -27.23 -15.21 3.76
CA LYS B 21 -27.18 -16.48 4.47
C LYS B 21 -25.98 -17.34 4.08
N ASP B 22 -25.26 -16.94 3.03
CA ASP B 22 -24.11 -17.71 2.57
C ASP B 22 -23.16 -16.82 1.76
N GLU B 23 -22.01 -17.38 1.36
CA GLU B 23 -20.97 -16.59 0.70
C GLU B 23 -21.41 -16.08 -0.68
N ARG B 24 -22.15 -16.90 -1.42
CA ARG B 24 -22.66 -16.52 -2.73
CA ARG B 24 -22.67 -16.51 -2.73
C ARG B 24 -23.56 -15.27 -2.61
N GLY B 25 -24.49 -15.31 -1.68
CA GLY B 25 -25.36 -14.17 -1.41
C GLY B 25 -24.58 -12.95 -0.93
N LEU B 26 -23.61 -13.18 -0.06
CA LEU B 26 -22.78 -12.10 0.48
C LEU B 26 -22.00 -11.41 -0.66
N GLY B 27 -21.37 -12.23 -1.51
CA GLY B 27 -20.63 -11.72 -2.66
C GLY B 27 -21.54 -10.93 -3.59
N TYR B 28 -22.75 -11.45 -3.78
CA TYR B 28 -23.78 -10.78 -4.61
C TYR B 28 -24.04 -9.35 -4.13
N GLY B 29 -24.24 -9.18 -2.83
CA GLY B 29 -24.45 -7.86 -2.27
C GLY B 29 -23.24 -6.92 -2.39
N ILE B 30 -22.04 -7.49 -2.24
CA ILE B 30 -20.79 -6.72 -2.32
C ILE B 30 -20.59 -6.21 -3.74
N GLY B 31 -20.69 -7.10 -4.72
CA GLY B 31 -20.51 -6.75 -6.11
C GLY B 31 -21.55 -5.73 -6.58
N TYR B 32 -22.80 -5.91 -6.15
CA TYR B 32 -23.82 -4.93 -6.48
C TYR B 32 -23.52 -3.53 -5.90
N ALA B 33 -23.22 -3.47 -4.61
CA ALA B 33 -22.99 -2.21 -3.93
C ALA B 33 -21.72 -1.50 -4.43
N TYR B 34 -20.64 -2.25 -4.65
CA TYR B 34 -19.41 -1.67 -5.16
C TYR B 34 -19.63 -1.12 -6.56
N ALA B 35 -20.39 -1.84 -7.37
CA ALA B 35 -20.66 -1.39 -8.73
C ALA B 35 -21.42 -0.06 -8.72
N ARG B 36 -22.33 0.12 -7.76
CA ARG B 36 -23.11 1.35 -7.70
C ARG B 36 -22.20 2.56 -7.54
N ASP B 37 -21.10 2.37 -6.82
CA ASP B 37 -20.13 3.44 -6.53
C ASP B 37 -18.95 3.50 -7.50
N ASN B 38 -18.52 2.35 -7.99
CA ASN B 38 -17.23 2.28 -8.68
C ASN B 38 -17.17 1.37 -9.89
N ALA B 39 -18.28 1.25 -10.62
CA ALA B 39 -18.32 0.39 -11.80
C ALA B 39 -17.23 0.73 -12.80
N CYS B 40 -17.09 2.01 -13.13
CA CYS B 40 -16.09 2.45 -14.12
C CYS B 40 -14.66 2.18 -13.68
N LEU B 41 -14.36 2.43 -12.41
CA LEU B 41 -13.05 2.07 -11.85
C LEU B 41 -12.77 0.60 -12.06
N LEU B 42 -13.68 -0.25 -11.61
CA LEU B 42 -13.42 -1.68 -11.71
C LEU B 42 -13.29 -2.09 -13.18
N ALA B 43 -14.18 -1.60 -14.03
CA ALA B 43 -14.11 -1.92 -15.45
C ALA B 43 -12.74 -1.55 -16.05
N GLU B 44 -12.24 -0.36 -15.69
CA GLU B 44 -10.94 0.11 -16.18
CA GLU B 44 -10.94 0.12 -16.14
C GLU B 44 -9.81 -0.81 -15.72
N GLU B 45 -9.80 -1.19 -14.44
CA GLU B 45 -8.71 -1.96 -13.88
C GLU B 45 -8.76 -3.42 -14.33
N ILE B 46 -9.94 -3.90 -14.68
CA ILE B 46 -10.06 -5.24 -15.24
C ILE B 46 -9.49 -5.25 -16.64
N VAL B 47 -9.79 -4.20 -17.42
CA VAL B 47 -9.17 -4.03 -18.71
C VAL B 47 -7.62 -4.09 -18.57
N THR B 48 -7.09 -3.41 -17.57
CA THR B 48 -5.65 -3.41 -17.34
C THR B 48 -5.15 -4.82 -17.04
N ALA B 49 -5.87 -5.51 -16.17
CA ALA B 49 -5.45 -6.80 -15.64
C ALA B 49 -5.66 -7.91 -16.66
N ARG B 50 -6.49 -7.65 -17.66
CA ARG B 50 -6.67 -8.54 -18.81
C ARG B 50 -5.65 -8.29 -19.93
N GLY B 51 -4.88 -7.20 -19.80
CA GLY B 51 -3.91 -6.87 -20.82
C GLY B 51 -4.56 -6.35 -22.09
N GLU B 52 -5.62 -5.55 -21.93
CA GLU B 52 -6.37 -5.03 -23.08
C GLU B 52 -6.39 -3.50 -23.19
N ARG B 53 -5.45 -2.80 -22.54
CA ARG B 53 -5.51 -1.33 -22.58
C ARG B 53 -5.26 -0.81 -23.97
N ALA B 54 -4.29 -1.39 -24.67
CA ALA B 54 -3.95 -0.88 -25.98
C ALA B 54 -5.08 -1.18 -26.97
N ARG B 55 -5.86 -2.23 -26.68
CA ARG B 55 -6.98 -2.59 -27.53
C ARG B 55 -8.10 -1.53 -27.47
N TYR B 56 -8.42 -1.07 -26.26
CA TYR B 56 -9.48 -0.07 -26.11
C TYR B 56 -8.96 1.36 -26.25
N PHE B 57 -7.69 1.60 -25.90
CA PHE B 57 -7.21 2.97 -25.74
C PHE B 57 -5.99 3.34 -26.57
N GLY B 58 -5.38 2.37 -27.24
CA GLY B 58 -4.23 2.63 -28.10
C GLY B 58 -2.93 2.69 -27.32
N SER B 59 -1.82 2.86 -28.03
CA SER B 59 -0.50 2.76 -27.43
C SER B 59 -0.04 4.02 -26.71
N GLU B 60 -0.67 5.16 -26.96
CA GLU B 60 -0.17 6.42 -26.38
C GLU B 60 -0.62 6.66 -24.93
N GLY B 61 -1.57 5.88 -24.44
CA GLY B 61 -2.07 6.10 -23.09
C GLY B 61 -1.33 5.29 -22.02
N LYS B 62 -1.72 5.50 -20.77
CA LYS B 62 -1.15 4.77 -19.64
C LYS B 62 -2.24 4.20 -18.75
N SER B 63 -1.86 3.25 -17.92
CA SER B 63 -2.73 2.69 -16.90
C SER B 63 -2.79 3.64 -15.72
N SER B 64 -3.63 3.33 -14.72
CA SER B 64 -3.67 4.14 -13.51
C SER B 64 -2.43 3.89 -12.62
N ALA B 65 -1.60 2.93 -12.99
CA ALA B 65 -0.30 2.79 -12.32
C ALA B 65 0.79 3.54 -13.08
N GLU B 66 0.40 4.25 -14.13
CA GLU B 66 1.31 5.05 -14.96
C GLU B 66 2.30 4.22 -15.77
N LEU B 67 1.91 3.00 -16.11
CA LEU B 67 2.67 2.22 -17.08
C LEU B 67 2.07 2.50 -18.45
N ASP B 68 2.91 2.55 -19.49
CA ASP B 68 2.43 2.63 -20.85
C ASP B 68 1.52 1.45 -21.12
N ASN B 69 0.46 1.69 -21.90
CA ASN B 69 -0.55 0.67 -22.16
C ASN B 69 0.00 -0.64 -22.75
N LEU B 70 0.92 -0.55 -23.71
CA LEU B 70 1.40 -1.77 -24.37
C LEU B 70 2.33 -2.61 -23.46
N PRO B 71 3.36 -1.99 -22.85
CA PRO B 71 4.13 -2.79 -21.87
C PRO B 71 3.27 -3.33 -20.73
N SER B 72 2.33 -2.53 -20.24
CA SER B 72 1.39 -2.99 -19.20
C SER B 72 0.60 -4.22 -19.69
N ASP B 73 0.08 -4.14 -20.92
CA ASP B 73 -0.62 -5.26 -21.52
C ASP B 73 0.25 -6.52 -21.66
N ILE B 74 1.49 -6.34 -22.07
CA ILE B 74 2.40 -7.47 -22.25
C ILE B 74 2.58 -8.16 -20.90
N PHE B 75 2.86 -7.36 -19.88
CA PHE B 75 3.05 -7.89 -18.54
C PHE B 75 1.84 -8.64 -17.98
N TYR B 76 0.65 -8.08 -18.12
CA TYR B 76 -0.53 -8.73 -17.54
C TYR B 76 -1.02 -9.88 -18.40
N ALA B 77 -0.76 -9.84 -19.71
CA ALA B 77 -1.03 -11.02 -20.55
C ALA B 77 -0.11 -12.17 -20.13
N TRP B 78 1.14 -11.84 -19.82
CA TRP B 78 2.09 -12.83 -19.36
C TRP B 78 1.67 -13.33 -17.97
N LEU B 79 1.36 -12.40 -17.07
CA LEU B 79 1.00 -12.75 -15.70
C LEU B 79 -0.27 -13.60 -15.63
N ASN B 80 -1.29 -13.19 -16.36
CA ASN B 80 -2.60 -13.79 -16.24
C ASN B 80 -2.97 -14.73 -17.38
N GLN B 81 -2.05 -15.60 -17.77
CA GLN B 81 -2.31 -16.66 -18.76
C GLN B 81 -3.38 -17.61 -18.25
N PRO B 82 -4.13 -18.24 -19.18
CA PRO B 82 -5.23 -19.15 -18.83
C PRO B 82 -4.79 -20.23 -17.83
N GLU B 83 -3.60 -20.79 -18.04
CA GLU B 83 -3.12 -21.86 -17.17
C GLU B 83 -2.93 -21.37 -15.74
N ALA B 84 -2.35 -20.20 -15.59
CA ALA B 84 -2.12 -19.63 -14.27
C ALA B 84 -3.44 -19.33 -13.56
N LEU B 85 -4.40 -18.79 -14.28
CA LEU B 85 -5.72 -18.51 -13.70
C LEU B 85 -6.43 -19.81 -13.30
N GLN B 86 -6.31 -20.83 -14.15
CA GLN B 86 -7.01 -22.08 -13.89
C GLN B 86 -6.46 -22.75 -12.63
N ALA B 87 -5.13 -22.83 -12.53
CA ALA B 87 -4.52 -23.42 -11.35
C ALA B 87 -4.88 -22.62 -10.10
N PHE B 88 -4.94 -21.30 -10.24
CA PHE B 88 -5.30 -20.45 -9.10
C PHE B 88 -6.74 -20.77 -8.63
N TRP B 89 -7.69 -20.79 -9.55
CA TRP B 89 -9.08 -21.16 -9.26
C TRP B 89 -9.22 -22.51 -8.59
N GLN B 90 -8.56 -23.52 -9.15
CA GLN B 90 -8.65 -24.86 -8.62
C GLN B 90 -8.06 -24.97 -7.22
N ALA B 91 -7.20 -24.03 -6.83
CA ALA B 91 -6.69 -24.02 -5.46
C ALA B 91 -7.57 -23.23 -4.48
N GLN B 92 -8.66 -22.62 -4.94
CA GLN B 92 -9.56 -21.89 -4.05
C GLN B 92 -10.52 -22.81 -3.31
N THR B 93 -10.79 -22.51 -2.04
CA THR B 93 -11.82 -23.21 -1.27
C THR B 93 -13.23 -22.92 -1.83
N PRO B 94 -14.19 -23.81 -1.53
CA PRO B 94 -15.57 -23.59 -1.95
C PRO B 94 -16.14 -22.23 -1.50
N ALA B 95 -15.85 -21.84 -0.26
CA ALA B 95 -16.34 -20.59 0.29
C ALA B 95 -15.84 -19.38 -0.54
N VAL B 96 -14.57 -19.41 -0.89
CA VAL B 96 -13.99 -18.32 -1.67
C VAL B 96 -14.51 -18.34 -3.10
N ARG B 97 -14.65 -19.52 -3.71
CA ARG B 97 -15.24 -19.59 -5.04
C ARG B 97 -16.63 -18.96 -5.06
N GLN B 98 -17.41 -19.23 -4.01
CA GLN B 98 -18.77 -18.72 -3.89
C GLN B 98 -18.78 -17.21 -3.68
N LEU B 99 -17.85 -16.69 -2.87
CA LEU B 99 -17.70 -15.24 -2.69
C LEU B 99 -17.50 -14.60 -4.05
N LEU B 100 -16.62 -15.19 -4.83
CA LEU B 100 -16.24 -14.62 -6.12
C LEU B 100 -17.37 -14.73 -7.14
N GLU B 101 -18.02 -15.89 -7.19
CA GLU B 101 -19.15 -16.09 -8.08
C GLU B 101 -20.26 -15.09 -7.75
N GLY B 102 -20.50 -14.90 -6.45
CA GLY B 102 -21.50 -13.94 -6.01
C GLY B 102 -21.14 -12.51 -6.41
N TYR B 103 -19.89 -12.10 -6.16
CA TYR B 103 -19.42 -10.77 -6.52
C TYR B 103 -19.67 -10.47 -8.01
N ALA B 104 -19.20 -11.34 -8.89
CA ALA B 104 -19.39 -11.17 -10.34
C ALA B 104 -20.87 -11.00 -10.70
N ALA B 105 -21.71 -11.90 -10.19
CA ALA B 105 -23.13 -11.83 -10.48
C ALA B 105 -23.75 -10.50 -10.01
N GLY B 106 -23.31 -10.03 -8.84
CA GLY B 106 -23.87 -8.82 -8.29
C GLY B 106 -23.41 -7.58 -9.06
N PHE B 107 -22.14 -7.55 -9.44
CA PHE B 107 -21.62 -6.49 -10.28
C PHE B 107 -22.39 -6.48 -11.60
N ASN B 108 -22.63 -7.66 -12.17
CA ASN B 108 -23.27 -7.71 -13.46
C ASN B 108 -24.74 -7.33 -13.37
N ARG B 109 -25.36 -7.53 -12.21
CA ARG B 109 -26.77 -7.16 -12.06
C ARG B 109 -26.91 -5.64 -12.11
N PHE B 110 -26.02 -4.94 -11.41
CA PHE B 110 -26.05 -3.49 -11.44
C PHE B 110 -25.85 -2.95 -12.86
N LEU B 111 -24.87 -3.51 -13.59
CA LEU B 111 -24.62 -3.11 -14.97
C LEU B 111 -25.86 -3.23 -15.85
N ARG B 112 -26.58 -4.34 -15.70
CA ARG B 112 -27.79 -4.57 -16.48
C ARG B 112 -28.82 -3.48 -16.27
N GLU B 113 -28.88 -2.99 -15.04
CA GLU B 113 -29.91 -2.02 -14.68
C GLU B 113 -29.44 -0.57 -14.74
N ALA B 114 -28.13 -0.35 -14.82
CA ALA B 114 -27.60 1.02 -14.73
C ALA B 114 -28.19 1.94 -15.79
N ASP B 115 -28.59 3.15 -15.38
CA ASP B 115 -29.07 4.13 -16.34
C ASP B 115 -28.21 5.40 -16.30
N GLY B 116 -27.04 5.32 -15.70
CA GLY B 116 -26.12 6.46 -15.67
C GLY B 116 -26.21 7.33 -14.42
N LYS B 117 -27.16 7.04 -13.53
CA LYS B 117 -27.34 7.83 -12.31
C LYS B 117 -26.06 8.02 -11.51
N THR B 118 -25.29 6.94 -11.37
CA THR B 118 -24.00 7.01 -10.71
C THR B 118 -22.87 6.36 -11.52
N THR B 119 -23.06 6.28 -12.84
CA THR B 119 -22.08 5.65 -13.72
C THR B 119 -21.76 6.54 -14.93
N SER B 120 -20.57 7.15 -14.92
CA SER B 120 -20.19 8.11 -15.96
C SER B 120 -19.76 7.46 -17.28
N CYS B 121 -19.41 6.18 -17.26
CA CYS B 121 -18.86 5.54 -18.45
C CYS B 121 -19.89 4.68 -19.14
N LEU B 122 -21.16 4.92 -18.81
CA LEU B 122 -22.28 4.27 -19.47
C LEU B 122 -22.14 4.32 -20.98
N GLY B 123 -22.28 3.17 -21.64
CA GLY B 123 -22.12 3.12 -23.08
C GLY B 123 -20.73 2.78 -23.58
N GLN B 124 -19.70 2.91 -22.73
CA GLN B 124 -18.35 2.60 -23.21
C GLN B 124 -18.24 1.10 -23.50
N PRO B 125 -17.53 0.76 -24.59
CA PRO B 125 -17.38 -0.66 -24.97
C PRO B 125 -16.66 -1.50 -23.91
N TRP B 126 -15.83 -0.87 -23.08
CA TRP B 126 -15.06 -1.61 -22.09
C TRP B 126 -15.83 -1.80 -20.78
N LEU B 127 -17.00 -1.16 -20.68
CA LEU B 127 -17.87 -1.40 -19.52
C LEU B 127 -18.79 -2.58 -19.79
N ARG B 128 -18.45 -3.74 -19.25
CA ARG B 128 -19.15 -4.95 -19.62
C ARG B 128 -19.20 -5.98 -18.50
N ALA B 129 -20.04 -6.99 -18.67
CA ALA B 129 -20.21 -8.03 -17.68
C ALA B 129 -18.87 -8.66 -17.30
N ILE B 130 -18.66 -8.93 -16.02
CA ILE B 130 -17.41 -9.55 -15.62
C ILE B 130 -17.60 -11.01 -15.27
N ALA B 131 -16.46 -11.71 -15.17
CA ALA B 131 -16.45 -13.11 -14.82
C ALA B 131 -15.56 -13.31 -13.61
N THR B 132 -15.67 -14.47 -12.96
CA THR B 132 -14.78 -14.78 -11.84
C THR B 132 -13.31 -14.73 -12.26
N ASP B 133 -12.98 -15.09 -13.49
CA ASP B 133 -11.60 -14.98 -13.98
C ASP B 133 -11.08 -13.53 -13.87
N ASP B 134 -11.95 -12.56 -14.12
CA ASP B 134 -11.55 -11.17 -14.04
C ASP B 134 -11.16 -10.80 -12.63
N LEU B 135 -11.88 -11.36 -11.64
CA LEU B 135 -11.55 -11.11 -10.24
C LEU B 135 -10.24 -11.83 -9.88
N LEU B 136 -10.01 -13.00 -10.46
CA LEU B 136 -8.71 -13.67 -10.27
C LEU B 136 -7.57 -12.84 -10.87
N ARG B 137 -7.82 -12.19 -12.02
CA ARG B 137 -6.80 -11.37 -12.66
C ARG B 137 -6.41 -10.19 -11.75
N LEU B 138 -7.39 -9.60 -11.09
CA LEU B 138 -7.15 -8.49 -10.19
C LEU B 138 -6.39 -8.93 -8.95
N THR B 139 -6.76 -10.10 -8.45
CA THR B 139 -6.11 -10.67 -7.28
C THR B 139 -4.63 -10.96 -7.54
N ARG B 140 -4.35 -11.60 -8.67
CA ARG B 140 -2.98 -11.91 -9.04
C ARG B 140 -2.19 -10.61 -9.26
N ARG B 141 -2.81 -9.63 -9.90
CA ARG B 141 -2.20 -8.32 -10.09
C ARG B 141 -1.81 -7.71 -8.74
N LEU B 142 -2.70 -7.83 -7.77
CA LEU B 142 -2.43 -7.37 -6.41
C LEU B 142 -1.28 -8.15 -5.75
N LEU B 143 -1.32 -9.46 -5.90
CA LEU B 143 -0.31 -10.32 -5.32
C LEU B 143 1.13 -9.89 -5.70
N VAL B 144 1.36 -9.53 -6.96
CA VAL B 144 2.73 -9.32 -7.44
C VAL B 144 3.22 -7.88 -7.25
N GLU B 145 2.40 -7.04 -6.62
CA GLU B 145 2.82 -5.69 -6.28
C GLU B 145 3.99 -5.69 -5.28
N GLY B 146 4.15 -6.79 -4.54
CA GLY B 146 5.32 -6.94 -3.68
C GLY B 146 6.52 -7.59 -4.37
N GLY B 147 6.40 -7.85 -5.67
CA GLY B 147 7.40 -8.62 -6.37
C GLY B 147 7.58 -8.23 -7.84
N VAL B 148 7.22 -9.15 -8.74
CA VAL B 148 7.54 -9.00 -10.15
C VAL B 148 6.73 -7.83 -10.76
N GLY B 149 5.64 -7.45 -10.10
CA GLY B 149 4.85 -6.30 -10.53
C GLY B 149 5.64 -4.99 -10.52
N GLN B 150 6.55 -4.83 -9.56
CA GLN B 150 7.42 -3.65 -9.48
C GLN B 150 8.46 -3.64 -10.59
N PHE B 151 8.60 -4.77 -11.27
CA PHE B 151 9.58 -4.91 -12.33
C PHE B 151 8.90 -5.11 -13.68
N ALA B 152 7.67 -4.63 -13.83
CA ALA B 152 6.90 -4.92 -15.04
C ALA B 152 7.59 -4.35 -16.30
N ASP B 153 8.03 -3.09 -16.24
CA ASP B 153 8.79 -2.50 -17.33
C ASP B 153 10.08 -3.27 -17.61
N ALA B 154 10.75 -3.69 -16.54
CA ALA B 154 12.01 -4.44 -16.64
C ALA B 154 11.82 -5.77 -17.35
N LEU B 155 10.69 -6.42 -17.08
CA LEU B 155 10.40 -7.70 -17.71
C LEU B 155 10.21 -7.50 -19.20
N VAL B 156 9.41 -6.49 -19.56
CA VAL B 156 9.10 -6.19 -20.95
C VAL B 156 10.35 -5.79 -21.75
N ALA B 157 11.27 -5.06 -21.11
CA ALA B 157 12.52 -4.64 -21.73
C ALA B 157 13.57 -5.75 -21.91
N ALA B 158 13.38 -6.92 -21.29
CA ALA B 158 14.44 -7.94 -21.28
C ALA B 158 14.56 -8.68 -22.61
N ALA B 159 15.59 -8.32 -23.38
CA ALA B 159 15.88 -8.94 -24.68
C ALA B 159 17.35 -9.30 -24.76
N PRO B 160 17.69 -10.43 -25.41
CA PRO B 160 19.08 -10.87 -25.49
C PRO B 160 19.95 -9.92 -26.32
N PRO B 161 21.27 -9.94 -26.10
CA PRO B 161 22.17 -9.04 -26.83
C PRO B 161 22.27 -9.39 -28.31
N GLY B 162 22.66 -8.41 -29.12
CA GLY B 162 22.93 -8.64 -30.52
C GLY B 162 24.42 -8.85 -30.72
N ALA B 163 24.96 -8.30 -31.79
CA ALA B 163 26.36 -8.51 -32.13
C ALA B 163 27.28 -7.41 -31.60
N GLU B 164 26.79 -6.62 -30.65
CA GLU B 164 27.51 -5.44 -30.18
C GLU B 164 28.81 -5.73 -29.42
N LYS B 165 29.73 -4.78 -29.48
CA LYS B 165 30.97 -4.80 -28.71
C LYS B 165 31.14 -3.51 -27.91
C6 3QK C . -3.55 -5.90 0.65
C7 3QK C . -4.47 -5.15 1.63
C8 3QK C . -3.73 -4.37 2.69
C9 3QK C . -3.15 -3.06 2.22
C10 3QK C . -2.34 -2.33 3.28
C11 3QK C . -1.92 -0.94 2.83
C12 3QK C . -0.66 -0.41 3.46
C13 3QK C . -0.08 0.77 2.68
B1 3QK C . 0.95 1.63 3.67
O2 3QK C . 2.20 0.69 4.19
O3 3QK C . 1.62 2.94 2.92
C1 GOL D . -16.30 -13.66 15.43
O1 GOL D . -16.49 -12.46 16.15
C2 GOL D . -16.92 -13.55 14.05
O2 GOL D . -18.31 -13.34 14.19
C3 GOL D . -16.31 -12.35 13.32
O3 GOL D . -16.58 -12.42 11.94
C1 GOL E . 6.26 -2.85 -27.21
O1 GOL E . 6.58 -2.66 -25.85
C2 GOL E . 7.15 -3.94 -27.81
O2 GOL E . 8.12 -4.29 -26.85
C3 GOL E . 6.29 -5.13 -28.17
O3 GOL E . 7.06 -6.17 -28.72
C1 GOL F . 12.26 -24.87 -5.74
O1 GOL F . 13.61 -24.95 -6.16
C2 GOL F . 12.19 -24.62 -4.23
O2 GOL F . 13.20 -23.72 -3.86
C3 GOL F . 10.83 -24.03 -3.88
O3 GOL F . 9.85 -24.58 -4.72
C1 GOL G . -3.32 2.71 -7.99
O1 GOL G . -4.35 2.32 -7.11
C2 GOL G . -2.75 1.45 -8.65
O2 GOL G . -1.36 1.32 -8.44
C3 GOL G . -3.02 1.54 -10.14
O3 GOL G . -4.39 1.37 -10.35
C1 GOL H . 20.55 14.23 5.82
O1 GOL H . 19.90 13.01 6.07
C2 GOL H . 22.05 14.01 5.68
O2 GOL H . 22.38 13.96 4.31
C3 GOL H . 22.82 15.15 6.33
O3 GOL H . 24.21 15.00 6.14
C1 GOL I . 14.85 -15.52 16.86
O1 GOL I . 15.17 -14.31 16.22
C2 GOL I . 14.36 -16.55 15.83
O2 GOL I . 12.97 -16.68 15.91
C3 GOL I . 14.77 -16.15 14.42
O3 GOL I . 14.47 -17.21 13.55
C1 GOL J . 10.13 4.09 6.37
O1 GOL J . 10.94 4.79 7.28
C2 GOL J . 10.76 4.21 4.97
O2 GOL J . 10.00 5.09 4.18
C3 GOL J . 10.82 2.83 4.31
O3 GOL J . 11.70 1.98 5.02
C1 GOL K . -8.07 27.00 4.45
O1 GOL K . -8.23 26.37 3.19
C2 GOL K . -6.86 27.93 4.40
O2 GOL K . -6.50 28.12 3.05
C3 GOL K . -7.22 29.27 5.02
O3 GOL K . -6.10 30.14 4.99
C1 GOL L . 4.39 -26.86 1.31
O1 GOL L . 5.62 -27.43 1.67
C2 GOL L . 3.35 -27.94 1.12
O2 GOL L . 2.32 -27.79 2.08
C3 GOL L . 2.74 -27.84 -0.28
O3 GOL L . 3.75 -28.00 -1.27
C1 GOL M . 4.84 23.98 -4.22
O1 GOL M . 4.39 24.66 -5.37
C2 GOL M . 6.36 23.86 -4.22
O2 GOL M . 6.73 22.55 -4.55
C3 GOL M . 6.97 24.86 -5.21
O3 GOL M . 8.38 24.82 -5.12
C1 GOL N . 13.03 -3.33 -4.29
O1 GOL N . 14.00 -4.12 -3.62
C2 GOL N . 13.72 -2.49 -5.37
O2 GOL N . 12.79 -2.24 -6.41
C3 GOL N . 14.19 -1.17 -4.76
O3 GOL N . 15.26 -0.62 -5.51
C1 GOL O . 2.35 -2.18 -2.30
O1 GOL O . 2.02 -1.17 -3.23
C2 GOL O . 3.77 -2.65 -2.59
O2 GOL O . 4.64 -1.55 -2.41
C3 GOL O . 4.15 -3.73 -1.58
O3 GOL O . 5.55 -3.86 -1.54
C1 GOL P . 6.32 3.53 -16.30
O1 GOL P . 7.67 3.40 -15.92
C2 GOL P . 6.25 4.22 -17.65
O2 GOL P . 7.23 5.25 -17.66
C3 GOL P . 6.53 3.21 -18.77
O3 GOL P . 5.69 2.07 -18.66
C1 GOL Q . -14.40 -21.53 -13.65
O1 GOL Q . -13.56 -22.31 -14.49
C2 GOL Q . -14.05 -20.06 -13.85
O2 GOL Q . -13.51 -19.89 -15.15
C3 GOL Q . -12.99 -19.68 -12.83
O3 GOL Q . -12.88 -18.28 -12.73
C1 GOL R . 2.85 -16.32 -14.15
O1 GOL R . 1.96 -16.58 -15.21
C2 GOL R . 4.17 -17.08 -14.38
O2 GOL R . 4.24 -18.21 -13.54
C3 GOL R . 4.32 -17.51 -15.83
O3 GOL R . 3.27 -18.37 -16.18
#